data_7ETD
#
_entry.id   7ETD
#
_cell.length_a   147.229
_cell.length_b   90.525
_cell.length_c   86.412
_cell.angle_alpha   90.000
_cell.angle_beta   122.010
_cell.angle_gamma   90.000
#
_symmetry.space_group_name_H-M   'C 1 2 1'
#
loop_
_entity.id
_entity.type
_entity.pdbx_description
1 polymer '4-hydroxy-2-oxoheptanedioate aldolase'
2 non-polymer 2-KETO-3-DEOXYGLUCONATE
3 non-polymer 'ZINC ION'
4 non-polymer 'CALCIUM ION'
5 water water
#
_entity_poly.entity_id   1
_entity_poly.type   'polypeptide(L)'
_entity_poly.pdbx_seq_one_letter_code
;MVNTVNYFKQKLKTEQQIGMWVGLADGYCAEIAANVGYDWLLIDGEHAPNDVRSILAQLQSIAAYPSQAVVRPVSGDVPL
IKQLLDIGAQTLLIPMVESAEQAELMVKATRYPPEGIRGVGAALARASRWNNISDYLQTADEQICLLVQVESKKGLDNLD
EILNVDGVDGIFIGPADLSAALGYRGNPGHEFVQNIIVQTIQKIRAAGKAAGILSADEKLAKQYLELGTEFVAVGVDTSL
LMKSMKQLLSKFKNVDGPVSTSPSVY
;
_entity_poly.pdbx_strand_id   A,B,C
#
# COMPACT_ATOMS: atom_id res chain seq x y z
N MET A 1 24.58 20.04 -8.73
CA MET A 1 23.92 20.19 -7.41
C MET A 1 24.56 19.22 -6.41
N VAL A 2 24.67 19.62 -5.14
CA VAL A 2 25.14 18.76 -4.01
C VAL A 2 23.90 18.25 -3.27
N ASN A 3 24.00 17.07 -2.64
CA ASN A 3 22.85 16.43 -1.92
C ASN A 3 22.34 17.42 -0.88
N THR A 4 21.01 17.48 -0.71
CA THR A 4 20.33 18.30 0.34
C THR A 4 20.93 17.91 1.71
N VAL A 5 21.45 18.86 2.47
CA VAL A 5 22.07 18.54 3.79
C VAL A 5 20.91 18.28 4.76
N ASN A 6 21.00 17.19 5.52
CA ASN A 6 19.98 16.86 6.55
C ASN A 6 20.38 17.60 7.85
N TYR A 7 19.87 18.80 8.03
CA TYR A 7 20.15 19.67 9.20
C TYR A 7 19.46 19.10 10.44
N PHE A 8 18.30 18.47 10.27
CA PHE A 8 17.61 17.77 11.38
C PHE A 8 18.60 16.78 12.00
N LYS A 9 19.20 15.97 11.15
CA LYS A 9 20.14 14.91 11.57
C LYS A 9 21.33 15.55 12.33
N GLN A 10 21.95 16.59 11.78
CA GLN A 10 23.08 17.31 12.43
C GLN A 10 22.64 17.87 13.78
N LYS A 11 21.45 18.48 13.83
CA LYS A 11 20.97 19.21 15.03
C LYS A 11 20.61 18.25 16.16
N LEU A 12 20.44 16.95 15.90
CA LEU A 12 20.25 15.92 16.97
C LEU A 12 21.41 15.97 17.97
N LYS A 13 22.59 16.44 17.56
CA LYS A 13 23.80 16.47 18.42
C LYS A 13 24.07 17.88 18.96
N THR A 14 23.38 18.92 18.50
CA THR A 14 23.79 20.33 18.78
C THR A 14 22.65 21.14 19.41
N GLU A 15 21.38 20.76 19.30
CA GLU A 15 20.31 21.60 19.87
C GLU A 15 19.04 20.77 20.10
N GLN A 16 18.02 21.41 20.67
CA GLN A 16 16.70 20.79 20.91
C GLN A 16 15.76 21.33 19.83
N GLN A 17 15.23 20.45 19.00
CA GLN A 17 14.42 20.82 17.80
C GLN A 17 12.93 20.74 18.14
N ILE A 18 12.19 21.82 17.90
CA ILE A 18 10.73 21.91 18.17
C ILE A 18 9.94 21.51 16.92
N GLY A 19 8.99 20.60 17.07
CA GLY A 19 8.29 19.94 15.96
C GLY A 19 6.80 20.21 15.96
N MET A 20 6.21 20.14 14.77
CA MET A 20 4.75 20.21 14.57
C MET A 20 4.35 18.96 13.78
N TRP A 21 3.31 18.28 14.25
CA TRP A 21 2.74 17.10 13.56
C TRP A 21 1.85 17.58 12.41
N VAL A 22 2.03 17.02 11.22
CA VAL A 22 1.26 17.44 10.02
C VAL A 22 0.40 16.25 9.56
N GLY A 23 -0.89 16.29 9.92
CA GLY A 23 -1.87 15.25 9.60
C GLY A 23 -2.99 15.78 8.73
N LEU A 24 -2.90 17.00 8.22
CA LEU A 24 -3.97 17.53 7.31
C LEU A 24 -3.83 16.94 5.89
N ALA A 25 -2.71 16.25 5.57
CA ALA A 25 -2.60 15.31 4.43
C ALA A 25 -2.78 16.05 3.10
N ASP A 26 -2.19 17.23 3.00
CA ASP A 26 -2.53 18.19 1.93
C ASP A 26 -1.30 19.06 1.67
N GLY A 27 -0.86 19.22 0.42
CA GLY A 27 0.26 20.12 0.07
C GLY A 27 0.03 21.56 0.50
N TYR A 28 -1.19 22.05 0.41
CA TYR A 28 -1.54 23.45 0.75
C TYR A 28 -1.44 23.65 2.27
N CYS A 29 -2.08 22.79 3.06
CA CYS A 29 -1.96 22.85 4.55
C CYS A 29 -0.51 22.66 5.03
N ALA A 30 0.26 21.78 4.40
CA ALA A 30 1.67 21.56 4.76
C ALA A 30 2.46 22.85 4.54
N GLU A 31 2.19 23.58 3.47
CA GLU A 31 2.87 24.87 3.21
C GLU A 31 2.53 25.87 4.33
N ILE A 32 1.28 25.91 4.79
CA ILE A 32 0.91 26.86 5.88
C ILE A 32 1.78 26.53 7.10
N ALA A 33 1.88 25.25 7.46
CA ALA A 33 2.72 24.80 8.60
C ALA A 33 4.18 25.21 8.36
N ALA A 34 4.67 25.06 7.14
CA ALA A 34 6.09 25.32 6.78
C ALA A 34 6.44 26.80 7.02
N ASN A 35 5.47 27.72 6.93
CA ASN A 35 5.73 29.17 7.10
C ASN A 35 5.93 29.57 8.57
N VAL A 36 5.60 28.70 9.52
CA VAL A 36 5.52 29.13 10.94
C VAL A 36 6.94 29.24 11.53
N GLY A 37 7.83 28.30 11.24
CA GLY A 37 9.22 28.33 11.74
C GLY A 37 9.56 27.17 12.67
N TYR A 38 8.78 26.09 12.66
CA TYR A 38 9.13 24.85 13.40
C TYR A 38 10.47 24.33 12.88
N ASP A 39 11.26 23.74 13.76
CA ASP A 39 12.53 23.08 13.38
C ASP A 39 12.23 21.88 12.49
N TRP A 40 11.16 21.13 12.78
CA TRP A 40 10.78 19.95 11.98
C TRP A 40 9.26 19.82 11.87
N LEU A 41 8.84 19.21 10.77
CA LEU A 41 7.42 18.90 10.46
C LEU A 41 7.32 17.39 10.26
N LEU A 42 6.40 16.74 10.95
CA LEU A 42 6.18 15.28 10.84
C LEU A 42 5.01 15.05 9.88
N ILE A 43 5.31 14.58 8.67
CA ILE A 43 4.28 14.20 7.68
C ILE A 43 3.86 12.78 8.04
N ASP A 44 2.65 12.64 8.59
CA ASP A 44 2.19 11.40 9.24
C ASP A 44 1.53 10.49 8.20
N GLY A 45 2.24 9.44 7.75
CA GLY A 45 1.70 8.43 6.83
C GLY A 45 1.11 7.25 7.58
N GLU A 46 1.07 7.31 8.92
CA GLU A 46 0.53 6.20 9.74
C GLU A 46 -0.89 6.53 10.20
N HIS A 47 -1.14 7.75 10.67
CA HIS A 47 -2.40 8.12 11.37
C HIS A 47 -3.13 9.24 10.64
N ALA A 48 -2.58 9.75 9.54
CA ALA A 48 -3.33 10.67 8.67
C ALA A 48 -3.48 10.01 7.30
N PRO A 49 -4.51 10.38 6.50
CA PRO A 49 -4.82 9.71 5.22
C PRO A 49 -3.88 10.15 4.09
N ASN A 50 -2.64 9.67 4.19
CA ASN A 50 -1.55 9.97 3.25
C ASN A 50 -1.16 8.69 2.51
N ASP A 51 -0.60 8.88 1.32
CA ASP A 51 0.05 7.81 0.54
C ASP A 51 1.32 8.43 -0.05
N VAL A 52 2.08 7.66 -0.81
CA VAL A 52 3.36 8.17 -1.37
C VAL A 52 3.08 9.48 -2.12
N ARG A 53 2.04 9.52 -2.94
CA ARG A 53 1.79 10.70 -3.80
C ARG A 53 1.41 11.93 -2.96
N SER A 54 0.57 11.81 -1.94
CA SER A 54 0.20 12.99 -1.11
C SER A 54 1.42 13.40 -0.27
N ILE A 55 2.25 12.46 0.16
CA ILE A 55 3.50 12.78 0.94
C ILE A 55 4.48 13.56 0.05
N LEU A 56 4.64 13.15 -1.21
CA LEU A 56 5.46 13.86 -2.22
C LEU A 56 5.00 15.32 -2.36
N ALA A 57 3.70 15.56 -2.48
CA ALA A 57 3.13 16.92 -2.64
C ALA A 57 3.54 17.79 -1.42
N GLN A 58 3.53 17.21 -0.22
CA GLN A 58 3.83 17.93 1.04
C GLN A 58 5.33 18.17 1.13
N LEU A 59 6.18 17.21 0.74
CA LEU A 59 7.65 17.42 0.65
C LEU A 59 7.94 18.59 -0.30
N GLN A 60 7.28 18.64 -1.45
CA GLN A 60 7.50 19.71 -2.47
C GLN A 60 7.10 21.08 -1.89
N SER A 61 5.99 21.17 -1.17
CA SER A 61 5.52 22.42 -0.51
C SER A 61 6.54 22.90 0.52
N ILE A 62 6.97 21.99 1.39
CA ILE A 62 7.83 22.27 2.57
C ILE A 62 9.25 22.64 2.11
N ALA A 63 9.68 22.12 0.95
CA ALA A 63 11.07 22.18 0.47
C ALA A 63 11.56 23.63 0.32
N ALA A 64 10.69 24.58 0.04
CA ALA A 64 11.07 26.00 -0.14
C ALA A 64 11.33 26.68 1.22
N TYR A 65 11.13 25.99 2.35
CA TYR A 65 11.17 26.57 3.72
C TYR A 65 12.22 25.88 4.57
N PRO A 66 12.77 26.57 5.59
CA PRO A 66 13.83 25.98 6.41
C PRO A 66 13.39 24.76 7.24
N SER A 67 12.12 24.62 7.58
CA SER A 67 11.61 23.48 8.39
C SER A 67 12.04 22.16 7.76
N GLN A 68 12.54 21.23 8.56
CA GLN A 68 13.02 19.91 8.10
C GLN A 68 11.85 18.93 8.10
N ALA A 69 11.65 18.22 6.98
CA ALA A 69 10.57 17.20 6.85
C ALA A 69 11.06 15.87 7.42
N VAL A 70 10.23 15.29 8.26
CA VAL A 70 10.33 13.90 8.79
C VAL A 70 9.07 13.17 8.34
N VAL A 71 9.22 11.95 7.85
CA VAL A 71 8.05 11.16 7.35
C VAL A 71 7.87 9.92 8.22
N ARG A 72 6.66 9.69 8.72
CA ARG A 72 6.30 8.43 9.40
C ARG A 72 5.56 7.52 8.44
N PRO A 73 6.15 6.39 8.00
CA PRO A 73 5.39 5.41 7.22
C PRO A 73 4.38 4.67 8.10
N VAL A 74 3.37 4.05 7.49
CA VAL A 74 2.30 3.32 8.24
C VAL A 74 2.90 2.17 9.05
N SER A 75 4.04 1.62 8.64
CA SER A 75 4.74 0.53 9.37
C SER A 75 6.18 0.42 8.86
N GLY A 76 6.99 -0.40 9.52
CA GLY A 76 8.38 -0.63 9.09
C GLY A 76 8.41 -1.57 7.90
N ASP A 77 7.79 -1.16 6.80
CA ASP A 77 7.69 -1.97 5.57
C ASP A 77 8.85 -1.58 4.64
N VAL A 78 9.72 -2.53 4.30
CA VAL A 78 10.99 -2.23 3.58
C VAL A 78 10.64 -1.57 2.23
N PRO A 79 9.70 -2.12 1.42
CA PRO A 79 9.38 -1.52 0.12
C PRO A 79 8.80 -0.10 0.25
N LEU A 80 7.95 0.14 1.24
CA LEU A 80 7.40 1.52 1.48
C LEU A 80 8.53 2.48 1.87
N ILE A 81 9.46 2.02 2.69
CA ILE A 81 10.64 2.84 3.08
C ILE A 81 11.44 3.22 1.83
N LYS A 82 11.70 2.26 0.94
CA LYS A 82 12.30 2.50 -0.40
C LYS A 82 11.52 3.62 -1.10
N GLN A 83 10.19 3.52 -1.18
CA GLN A 83 9.39 4.51 -1.94
C GLN A 83 9.54 5.91 -1.32
N LEU A 84 9.53 6.02 0.00
CA LEU A 84 9.56 7.33 0.69
C LEU A 84 10.96 7.95 0.59
N LEU A 85 12.03 7.16 0.64
CA LEU A 85 13.40 7.69 0.41
C LEU A 85 13.53 8.21 -1.02
N ASP A 86 12.94 7.54 -2.01
CA ASP A 86 13.14 7.94 -3.43
C ASP A 86 12.40 9.25 -3.72
N ILE A 87 11.27 9.54 -3.08
CA ILE A 87 10.55 10.84 -3.30
C ILE A 87 11.28 11.94 -2.52
N GLY A 88 12.24 11.57 -1.67
CA GLY A 88 13.22 12.52 -1.13
C GLY A 88 13.09 12.76 0.36
N ALA A 89 12.32 11.95 1.08
CA ALA A 89 12.23 12.01 2.56
C ALA A 89 13.60 11.62 3.12
N GLN A 90 14.23 12.49 3.88
CA GLN A 90 15.61 12.24 4.36
C GLN A 90 15.62 11.74 5.80
N THR A 91 14.53 11.97 6.53
CA THR A 91 14.38 11.47 7.93
C THR A 91 13.10 10.65 8.01
N LEU A 92 13.19 9.43 8.51
CA LEU A 92 12.02 8.54 8.68
C LEU A 92 11.83 8.25 10.16
N LEU A 93 10.57 8.20 10.58
CA LEU A 93 10.17 7.79 11.95
C LEU A 93 9.38 6.48 11.81
N ILE A 94 9.98 5.35 12.20
CA ILE A 94 9.35 4.02 12.06
C ILE A 94 8.53 3.72 13.30
N PRO A 95 7.21 3.48 13.17
CA PRO A 95 6.37 3.18 14.32
C PRO A 95 6.60 1.76 14.84
N MET A 96 6.37 1.58 16.15
CA MET A 96 6.14 0.26 16.79
C MET A 96 7.35 -0.64 16.53
N VAL A 97 8.56 -0.15 16.77
CA VAL A 97 9.78 -1.00 16.68
C VAL A 97 9.95 -1.72 18.02
N GLU A 98 10.15 -3.04 17.98
CA GLU A 98 10.01 -3.89 19.19
C GLU A 98 11.20 -4.81 19.40
N SER A 99 12.25 -4.72 18.59
CA SER A 99 13.44 -5.58 18.76
C SER A 99 14.66 -4.95 18.06
N ALA A 100 15.85 -5.36 18.48
CA ALA A 100 17.13 -5.02 17.80
C ALA A 100 17.09 -5.56 16.37
N GLU A 101 16.56 -6.77 16.16
CA GLU A 101 16.47 -7.44 14.83
C GLU A 101 15.67 -6.54 13.88
N GLN A 102 14.51 -6.05 14.32
CA GLN A 102 13.66 -5.13 13.52
C GLN A 102 14.40 -3.81 13.30
N ALA A 103 15.04 -3.25 14.32
CA ALA A 103 15.76 -1.96 14.18
C ALA A 103 16.91 -2.12 13.17
N GLU A 104 17.65 -3.23 13.23
CA GLU A 104 18.76 -3.52 12.29
C GLU A 104 18.20 -3.56 10.86
N LEU A 105 17.02 -4.15 10.67
CA LEU A 105 16.44 -4.30 9.31
C LEU A 105 16.06 -2.91 8.78
N MET A 106 15.55 -2.03 9.65
CA MET A 106 15.18 -0.63 9.31
C MET A 106 16.46 0.14 8.93
N VAL A 107 17.57 -0.08 9.64
CA VAL A 107 18.88 0.53 9.27
C VAL A 107 19.21 0.12 7.82
N LYS A 108 19.16 -1.18 7.54
CA LYS A 108 19.50 -1.72 6.19
C LYS A 108 18.53 -1.16 5.14
N ALA A 109 17.25 -1.03 5.48
CA ALA A 109 16.19 -0.52 4.57
C ALA A 109 16.55 0.90 4.12
N THR A 110 17.35 1.66 4.88
CA THR A 110 17.70 3.08 4.58
C THR A 110 19.05 3.21 3.87
N ARG A 111 19.79 2.12 3.66
CA ARG A 111 21.16 2.18 3.09
C ARG A 111 21.25 1.36 1.80
N TYR A 112 21.99 1.87 0.83
CA TYR A 112 22.21 1.19 -0.46
C TYR A 112 23.02 -0.07 -0.26
N PRO A 113 22.83 -1.07 -1.14
CA PRO A 113 23.73 -2.21 -1.21
C PRO A 113 25.12 -1.68 -1.55
N PRO A 114 26.18 -2.41 -1.19
CA PRO A 114 26.06 -3.75 -0.62
C PRO A 114 25.81 -3.82 0.90
N GLU A 115 25.96 -2.70 1.63
CA GLU A 115 25.82 -2.63 3.10
C GLU A 115 24.34 -2.72 3.51
N GLY A 116 23.43 -2.13 2.72
CA GLY A 116 21.98 -2.17 3.03
C GLY A 116 21.17 -2.84 1.95
N ILE A 117 19.85 -2.65 1.98
CA ILE A 117 18.89 -3.30 1.04
C ILE A 117 17.99 -2.24 0.40
N ARG A 118 18.34 -0.96 0.48
CA ARG A 118 17.57 0.10 -0.23
C ARG A 118 17.65 -0.15 -1.75
N GLY A 119 16.49 -0.28 -2.40
CA GLY A 119 16.45 -0.47 -3.87
C GLY A 119 17.03 0.74 -4.58
N VAL A 120 17.77 0.49 -5.66
CA VAL A 120 18.50 1.55 -6.41
C VAL A 120 17.65 1.98 -7.60
N GLY A 121 17.28 3.26 -7.67
CA GLY A 121 16.57 3.84 -8.82
C GLY A 121 16.82 5.34 -8.94
N ALA A 122 18.09 5.74 -8.97
CA ALA A 122 18.50 7.15 -8.87
C ALA A 122 18.00 7.94 -10.08
N ALA A 123 17.88 7.36 -11.27
CA ALA A 123 17.44 8.08 -12.48
C ALA A 123 15.99 8.56 -12.32
N LEU A 124 15.19 7.89 -11.49
CA LEU A 124 13.73 8.15 -11.36
C LEU A 124 13.39 8.96 -10.11
N ALA A 125 14.35 9.18 -9.21
CA ALA A 125 14.09 9.62 -7.82
C ALA A 125 14.20 11.14 -7.74
N ARG A 126 13.18 11.78 -7.14
CA ARG A 126 13.33 13.18 -6.68
C ARG A 126 14.53 13.24 -5.71
N ALA A 127 14.80 12.18 -4.96
CA ALA A 127 15.88 12.16 -3.95
C ALA A 127 17.21 12.56 -4.59
N SER A 128 17.50 12.10 -5.80
CA SER A 128 18.77 12.37 -6.55
C SER A 128 18.58 13.60 -7.44
N ARG A 129 17.40 14.22 -7.35
CA ARG A 129 16.85 15.17 -8.35
C ARG A 129 17.10 14.60 -9.76
N TRP A 130 16.72 13.36 -10.00
CA TRP A 130 16.79 12.65 -11.31
C TRP A 130 18.23 12.71 -11.84
N ASN A 131 19.18 12.51 -10.92
CA ASN A 131 20.64 12.44 -11.13
C ASN A 131 21.24 13.83 -11.36
N ASN A 132 20.48 14.90 -11.14
CA ASN A 132 21.04 16.27 -11.19
C ASN A 132 21.97 16.48 -9.97
N ILE A 133 21.77 15.70 -8.90
CA ILE A 133 22.78 15.49 -7.82
C ILE A 133 23.72 14.38 -8.31
N SER A 134 24.84 14.73 -8.94
CA SER A 134 25.66 13.81 -9.77
C SER A 134 26.27 12.67 -8.92
N ASP A 135 26.54 12.90 -7.64
CA ASP A 135 27.26 11.92 -6.79
C ASP A 135 26.29 11.28 -5.77
N TYR A 136 24.98 11.38 -6.02
CA TYR A 136 23.93 10.96 -5.06
C TYR A 136 24.24 9.56 -4.52
N LEU A 137 24.51 8.58 -5.38
CA LEU A 137 24.65 7.17 -4.91
C LEU A 137 25.84 7.05 -3.94
N GLN A 138 26.79 7.98 -3.97
CA GLN A 138 27.93 8.00 -3.00
C GLN A 138 27.59 8.84 -1.75
N THR A 139 26.77 9.89 -1.86
CA THR A 139 26.54 10.89 -0.77
C THR A 139 25.20 10.67 -0.05
N ALA A 140 24.33 9.81 -0.58
CA ALA A 140 22.93 9.64 -0.07
C ALA A 140 22.95 9.22 1.40
N ASP A 141 23.63 8.12 1.71
CA ASP A 141 23.50 7.40 3.01
C ASP A 141 23.78 8.39 4.15
N GLU A 142 24.75 9.30 3.98
CA GLU A 142 25.20 10.22 5.06
C GLU A 142 24.07 11.18 5.47
N GLN A 143 23.17 11.56 4.56
CA GLN A 143 22.11 12.57 4.85
C GLN A 143 20.78 11.89 5.20
N ILE A 144 20.77 10.57 5.40
CA ILE A 144 19.56 9.81 5.81
C ILE A 144 19.62 9.63 7.34
N CYS A 145 18.51 9.93 8.00
CA CYS A 145 18.35 9.89 9.47
C CYS A 145 17.26 8.86 9.79
N LEU A 146 17.58 7.84 10.58
CA LEU A 146 16.58 6.83 11.00
C LEU A 146 16.18 7.07 12.45
N LEU A 147 14.87 7.29 12.66
CA LEU A 147 14.26 7.36 14.00
C LEU A 147 13.33 6.15 14.13
N VAL A 148 13.33 5.52 15.30
CA VAL A 148 12.39 4.40 15.60
C VAL A 148 11.54 4.76 16.81
N GLN A 149 10.30 4.29 16.83
CA GLN A 149 9.38 4.54 17.97
C GLN A 149 9.41 3.34 18.91
N VAL A 150 9.62 3.62 20.19
CA VAL A 150 9.32 2.67 21.30
C VAL A 150 8.00 3.11 21.91
N GLU A 151 6.97 2.27 21.77
CA GLU A 151 5.59 2.66 22.15
C GLU A 151 4.75 1.42 22.48
N SER A 152 5.39 0.35 22.95
CA SER A 152 4.75 -0.92 23.37
C SER A 152 5.57 -1.53 24.50
N LYS A 153 4.99 -2.44 25.27
CA LYS A 153 5.73 -3.17 26.32
C LYS A 153 6.89 -3.92 25.69
N LYS A 154 6.67 -4.57 24.55
CA LYS A 154 7.75 -5.35 23.90
C LYS A 154 8.89 -4.40 23.50
N GLY A 155 8.59 -3.20 22.99
CA GLY A 155 9.61 -2.17 22.77
C GLY A 155 10.39 -1.87 24.04
N LEU A 156 9.71 -1.60 25.16
CA LEU A 156 10.39 -1.31 26.45
C LEU A 156 11.18 -2.54 26.89
N ASP A 157 10.67 -3.74 26.57
CA ASP A 157 11.32 -5.03 26.96
C ASP A 157 12.59 -5.25 26.13
N ASN A 158 12.82 -4.43 25.09
CA ASN A 158 13.95 -4.60 24.15
C ASN A 158 14.70 -3.28 23.99
N LEU A 159 14.49 -2.33 24.91
CA LEU A 159 15.02 -0.95 24.79
C LEU A 159 16.55 -0.96 24.75
N ASP A 160 17.20 -1.64 25.69
CA ASP A 160 18.69 -1.64 25.77
C ASP A 160 19.24 -2.20 24.45
N GLU A 161 18.59 -3.24 23.93
CA GLU A 161 18.99 -3.94 22.68
C GLU A 161 18.81 -2.99 21.49
N ILE A 162 17.70 -2.28 21.42
CA ILE A 162 17.46 -1.29 20.31
C ILE A 162 18.51 -0.17 20.40
N LEU A 163 18.83 0.31 21.60
CA LEU A 163 19.77 1.45 21.81
C LEU A 163 21.19 1.03 21.44
N ASN A 164 21.44 -0.27 21.33
CA ASN A 164 22.78 -0.78 20.93
C ASN A 164 22.89 -0.92 19.41
N VAL A 165 21.86 -0.58 18.64
CA VAL A 165 21.86 -0.75 17.16
C VAL A 165 22.55 0.48 16.54
N ASP A 166 23.70 0.26 15.91
CA ASP A 166 24.39 1.30 15.11
C ASP A 166 23.48 1.62 13.92
N GLY A 167 23.21 2.90 13.72
CA GLY A 167 22.42 3.37 12.58
C GLY A 167 21.05 3.86 13.02
N VAL A 168 20.61 3.51 14.23
CA VAL A 168 19.43 4.17 14.86
C VAL A 168 19.93 5.52 15.38
N ASP A 169 19.47 6.63 14.81
CA ASP A 169 19.92 7.98 15.21
C ASP A 169 19.12 8.46 16.41
N GLY A 170 17.87 8.02 16.55
CA GLY A 170 16.96 8.54 17.58
C GLY A 170 15.87 7.54 17.90
N ILE A 171 15.42 7.56 19.15
CA ILE A 171 14.25 6.80 19.62
C ILE A 171 13.21 7.83 20.07
N PHE A 172 12.04 7.75 19.44
CA PHE A 172 10.87 8.59 19.73
C PHE A 172 9.90 7.74 20.56
N ILE A 173 9.43 8.30 21.67
CA ILE A 173 8.38 7.70 22.54
C ILE A 173 7.00 8.19 22.09
N GLY A 174 6.08 7.28 21.77
CA GLY A 174 4.70 7.61 21.38
C GLY A 174 3.78 7.50 22.59
N PRO A 175 3.40 8.61 23.27
CA PRO A 175 2.64 8.49 24.51
C PRO A 175 1.24 7.89 24.35
N ALA A 176 0.57 8.17 23.24
CA ALA A 176 -0.76 7.59 22.92
C ALA A 176 -0.68 6.07 22.90
N ASP A 177 0.17 5.50 22.04
CA ASP A 177 0.31 4.03 21.91
C ASP A 177 0.86 3.48 23.23
N LEU A 178 1.80 4.17 23.87
CA LEU A 178 2.49 3.57 25.05
C LEU A 178 1.48 3.51 26.22
N SER A 179 0.76 4.59 26.47
CA SER A 179 -0.22 4.67 27.58
C SER A 179 -1.31 3.60 27.36
N ALA A 180 -1.78 3.42 26.13
CA ALA A 180 -2.74 2.35 25.78
C ALA A 180 -2.11 0.98 26.08
N ALA A 181 -0.86 0.76 25.67
CA ALA A 181 -0.15 -0.52 25.86
C ALA A 181 -0.07 -0.85 27.35
N LEU A 182 0.10 0.18 28.19
CA LEU A 182 0.28 0.07 29.65
C LEU A 182 -1.07 -0.02 30.39
N GLY A 183 -2.19 0.03 29.68
CA GLY A 183 -3.53 -0.09 30.28
C GLY A 183 -4.03 1.25 30.81
N TYR A 184 -3.48 2.37 30.32
CA TYR A 184 -3.93 3.75 30.63
C TYR A 184 -4.30 4.48 29.34
N ARG A 185 -5.08 3.82 28.48
CA ARG A 185 -5.52 4.37 27.18
C ARG A 185 -6.20 5.73 27.38
N GLY A 186 -5.68 6.76 26.71
CA GLY A 186 -6.24 8.13 26.72
C GLY A 186 -5.72 8.95 27.89
N ASN A 187 -4.82 8.38 28.72
CA ASN A 187 -4.39 9.00 30.00
C ASN A 187 -2.88 8.85 30.20
N PRO A 188 -2.04 9.35 29.25
CA PRO A 188 -0.59 9.28 29.39
C PRO A 188 -0.03 10.14 30.55
N GLY A 189 -0.82 11.11 31.03
CA GLY A 189 -0.45 12.02 32.13
C GLY A 189 -0.28 11.30 33.46
N HIS A 190 -0.82 10.08 33.62
CA HIS A 190 -0.71 9.29 34.87
C HIS A 190 0.76 9.07 35.23
N GLU A 191 1.08 9.21 36.53
CA GLU A 191 2.43 9.05 37.12
C GLU A 191 3.06 7.72 36.69
N PHE A 192 2.32 6.62 36.69
CA PHE A 192 2.84 5.29 36.28
C PHE A 192 3.47 5.42 34.88
N VAL A 193 2.72 6.04 33.95
CA VAL A 193 3.16 6.19 32.53
C VAL A 193 4.33 7.19 32.49
N GLN A 194 4.19 8.35 33.15
CA GLN A 194 5.22 9.43 33.11
C GLN A 194 6.55 8.92 33.66
N ASN A 195 6.56 8.15 34.75
CA ASN A 195 7.82 7.64 35.35
C ASN A 195 8.53 6.76 34.32
N ILE A 196 7.77 5.93 33.60
CA ILE A 196 8.36 5.06 32.53
C ILE A 196 8.93 5.96 31.41
N ILE A 197 8.20 6.98 31.00
CA ILE A 197 8.65 7.88 29.90
C ILE A 197 9.98 8.54 30.30
N VAL A 198 10.07 9.06 31.53
CA VAL A 198 11.26 9.82 32.01
C VAL A 198 12.47 8.88 32.04
N GLN A 199 12.29 7.67 32.60
CA GLN A 199 13.40 6.69 32.70
C GLN A 199 13.86 6.31 31.29
N THR A 200 12.90 6.12 30.37
CA THR A 200 13.15 5.77 28.95
C THR A 200 13.96 6.87 28.29
N ILE A 201 13.55 8.14 28.44
CA ILE A 201 14.32 9.30 27.90
C ILE A 201 15.75 9.24 28.46
N GLN A 202 15.91 9.10 29.78
CA GLN A 202 17.26 9.06 30.42
C GLN A 202 18.12 7.94 29.79
N LYS A 203 17.53 6.76 29.58
CA LYS A 203 18.24 5.57 29.02
C LYS A 203 18.65 5.85 27.58
N ILE A 204 17.74 6.44 26.79
CA ILE A 204 18.04 6.78 25.37
C ILE A 204 19.27 7.71 25.34
N ARG A 205 19.26 8.78 26.11
CA ARG A 205 20.34 9.80 26.08
C ARG A 205 21.63 9.18 26.65
N ALA A 206 21.54 8.31 27.65
CA ALA A 206 22.71 7.64 28.27
C ALA A 206 23.42 6.78 27.23
N ALA A 207 22.71 6.25 26.23
CA ALA A 207 23.28 5.34 25.21
C ALA A 207 23.81 6.15 24.02
N GLY A 208 23.75 7.49 24.08
CA GLY A 208 24.28 8.38 23.04
C GLY A 208 23.33 8.55 21.87
N LYS A 209 22.05 8.16 22.01
CA LYS A 209 21.04 8.36 20.93
C LYS A 209 20.23 9.60 21.26
N ALA A 210 19.63 10.23 20.23
CA ALA A 210 18.66 11.33 20.40
C ALA A 210 17.34 10.74 20.93
N ALA A 211 16.73 11.41 21.90
CA ALA A 211 15.37 11.09 22.42
C ALA A 211 14.37 12.06 21.81
N GLY A 212 13.17 11.55 21.52
CA GLY A 212 12.06 12.34 20.97
C GLY A 212 10.75 11.97 21.59
N ILE A 213 9.78 12.86 21.49
CA ILE A 213 8.43 12.65 22.07
C ILE A 213 7.51 13.71 21.48
N LEU A 214 6.22 13.49 21.58
CA LEU A 214 5.17 14.50 21.33
C LEU A 214 4.37 14.69 22.61
N SER A 215 4.06 15.94 22.95
CA SER A 215 3.03 16.29 23.93
C SER A 215 2.42 17.63 23.55
N ALA A 216 1.10 17.65 23.37
CA ALA A 216 0.27 18.85 23.22
C ALA A 216 0.11 19.56 24.57
N ASP A 217 0.54 18.93 25.65
CA ASP A 217 0.55 19.57 27.00
C ASP A 217 1.81 20.43 27.15
N GLU A 218 1.65 21.74 27.28
CA GLU A 218 2.79 22.69 27.35
C GLU A 218 3.69 22.33 28.53
N LYS A 219 3.12 22.00 29.69
CA LYS A 219 3.93 21.70 30.91
C LYS A 219 4.77 20.43 30.66
N LEU A 220 4.13 19.35 30.17
CA LEU A 220 4.85 18.07 29.90
C LEU A 220 5.95 18.34 28.87
N ALA A 221 5.64 19.03 27.77
CA ALA A 221 6.61 19.31 26.68
C ALA A 221 7.82 20.07 27.27
N LYS A 222 7.57 21.08 28.09
CA LYS A 222 8.68 21.86 28.71
C LYS A 222 9.47 21.00 29.69
N GLN A 223 8.80 20.13 30.45
CA GLN A 223 9.52 19.18 31.35
C GLN A 223 10.45 18.30 30.49
N TYR A 224 9.96 17.79 29.36
CA TYR A 224 10.76 16.88 28.49
C TYR A 224 11.96 17.65 27.95
N LEU A 225 11.75 18.90 27.52
CA LEU A 225 12.85 19.77 27.03
C LEU A 225 13.85 19.99 28.18
N GLU A 226 13.38 20.14 29.43
CA GLU A 226 14.28 20.30 30.61
C GLU A 226 15.15 19.05 30.83
N LEU A 227 14.64 17.86 30.52
CA LEU A 227 15.40 16.58 30.61
C LEU A 227 16.46 16.47 29.51
N GLY A 228 16.46 17.34 28.51
CA GLY A 228 17.44 17.34 27.41
C GLY A 228 16.93 16.62 26.17
N THR A 229 15.64 16.28 26.11
CA THR A 229 15.03 15.57 24.95
C THR A 229 15.34 16.37 23.67
N GLU A 230 15.89 15.71 22.66
CA GLU A 230 16.52 16.37 21.48
C GLU A 230 15.46 16.79 20.45
N PHE A 231 14.35 16.04 20.29
CA PHE A 231 13.33 16.38 19.27
C PHE A 231 11.95 16.21 19.91
N VAL A 232 11.29 17.35 20.14
CA VAL A 232 10.00 17.43 20.87
C VAL A 232 8.95 18.05 19.94
N ALA A 233 7.93 17.27 19.59
CA ALA A 233 6.74 17.77 18.87
C ALA A 233 5.76 18.31 19.92
N VAL A 234 5.26 19.52 19.70
CA VAL A 234 4.54 20.31 20.75
C VAL A 234 3.09 20.49 20.35
N GLY A 235 2.70 19.99 19.18
CA GLY A 235 1.30 20.08 18.73
C GLY A 235 1.06 19.32 17.44
N VAL A 236 -0.20 19.34 17.01
CA VAL A 236 -0.77 18.58 15.87
C VAL A 236 -1.67 19.54 15.10
N ASP A 237 -1.51 19.63 13.78
CA ASP A 237 -2.25 20.62 12.96
C ASP A 237 -3.77 20.35 13.06
N THR A 238 -4.23 19.09 12.93
CA THR A 238 -5.68 18.76 13.02
C THR A 238 -6.24 19.26 14.37
N SER A 239 -5.52 18.98 15.48
CA SER A 239 -5.92 19.41 16.86
C SER A 239 -6.00 20.94 16.94
N LEU A 240 -4.97 21.64 16.50
CA LEU A 240 -4.91 23.12 16.60
C LEU A 240 -6.03 23.73 15.75
N LEU A 241 -6.27 23.20 14.55
CA LEU A 241 -7.34 23.72 13.68
C LEU A 241 -8.69 23.55 14.41
N MET A 242 -8.98 22.35 14.90
CA MET A 242 -10.28 22.06 15.57
C MET A 242 -10.41 22.96 16.80
N LYS A 243 -9.38 23.02 17.65
CA LYS A 243 -9.48 23.75 18.94
C LYS A 243 -9.64 25.25 18.67
N SER A 244 -8.89 25.83 17.74
CA SER A 244 -8.95 27.28 17.42
C SER A 244 -10.38 27.63 16.97
N MET A 245 -11.01 26.78 16.15
CA MET A 245 -12.36 27.06 15.62
C MET A 245 -13.39 26.92 16.75
N LYS A 246 -13.24 25.92 17.61
CA LYS A 246 -14.14 25.68 18.78
C LYS A 246 -14.06 26.86 19.76
N GLN A 247 -12.84 27.28 20.11
CA GLN A 247 -12.58 28.37 21.10
C GLN A 247 -13.18 29.68 20.57
N LEU A 248 -13.06 29.91 19.26
CA LEU A 248 -13.64 31.12 18.62
C LEU A 248 -15.16 31.07 18.69
N LEU A 249 -15.76 29.93 18.32
CA LEU A 249 -17.24 29.83 18.31
C LEU A 249 -17.78 30.07 19.73
N SER A 250 -17.09 29.56 20.75
CA SER A 250 -17.51 29.62 22.17
C SER A 250 -17.65 31.09 22.65
N LYS A 251 -16.97 32.04 22.00
CA LYS A 251 -17.09 33.49 22.31
C LYS A 251 -18.44 34.05 21.84
N PHE A 252 -19.12 33.38 20.91
CA PHE A 252 -20.40 33.84 20.31
C PHE A 252 -21.52 32.83 20.59
N LYS A 253 -21.15 31.56 20.83
CA LYS A 253 -22.00 30.33 20.94
C LYS A 253 -23.16 30.38 19.95
N MET B 1 -17.03 -8.76 -26.66
CA MET B 1 -15.60 -8.38 -26.78
C MET B 1 -14.73 -9.61 -26.48
N VAL B 2 -13.61 -9.76 -27.19
CA VAL B 2 -12.58 -10.81 -26.92
C VAL B 2 -11.50 -10.17 -26.02
N ASN B 3 -10.84 -10.98 -25.18
CA ASN B 3 -9.77 -10.49 -24.26
C ASN B 3 -8.71 -9.77 -25.13
N THR B 4 -8.17 -8.65 -24.63
CA THR B 4 -7.01 -7.94 -25.23
C THR B 4 -5.85 -8.93 -25.48
N VAL B 5 -5.37 -9.05 -26.72
CA VAL B 5 -4.25 -9.98 -27.02
C VAL B 5 -2.97 -9.37 -26.43
N ASN B 6 -2.19 -10.15 -25.69
CA ASN B 6 -0.90 -9.68 -25.16
C ASN B 6 0.18 -9.90 -26.24
N TYR B 7 0.41 -8.90 -27.08
CA TYR B 7 1.36 -8.95 -28.22
C TYR B 7 2.78 -8.94 -27.66
N PHE B 8 3.01 -8.25 -26.54
CA PHE B 8 4.33 -8.25 -25.87
C PHE B 8 4.71 -9.70 -25.57
N LYS B 9 3.79 -10.45 -24.98
CA LYS B 9 4.02 -11.86 -24.62
C LYS B 9 4.35 -12.67 -25.89
N GLN B 10 3.56 -12.57 -26.95
CA GLN B 10 3.80 -13.34 -28.21
C GLN B 10 5.15 -12.94 -28.81
N LYS B 11 5.47 -11.65 -28.81
CA LYS B 11 6.69 -11.12 -29.46
C LYS B 11 7.95 -11.54 -28.70
N LEU B 12 7.83 -12.01 -27.45
CA LEU B 12 8.98 -12.59 -26.70
C LEU B 12 9.63 -13.74 -27.49
N LYS B 13 8.89 -14.40 -28.38
CA LYS B 13 9.40 -15.57 -29.12
C LYS B 13 9.68 -15.23 -30.58
N THR B 14 9.38 -14.02 -31.06
CA THR B 14 9.41 -13.70 -32.52
C THR B 14 10.26 -12.48 -32.84
N GLU B 15 10.56 -11.59 -31.90
CA GLU B 15 11.35 -10.37 -32.23
C GLU B 15 12.02 -9.79 -30.98
N GLN B 16 12.76 -8.72 -31.19
CA GLN B 16 13.42 -7.99 -30.09
C GLN B 16 12.63 -6.70 -29.91
N GLN B 17 12.11 -6.49 -28.70
CA GLN B 17 11.16 -5.40 -28.38
C GLN B 17 11.89 -4.26 -27.67
N ILE B 18 11.77 -3.05 -28.20
CA ILE B 18 12.47 -1.84 -27.68
C ILE B 18 11.53 -1.11 -26.72
N GLY B 19 12.04 -0.79 -25.54
CA GLY B 19 11.22 -0.31 -24.40
C GLY B 19 11.62 1.07 -23.94
N MET B 20 10.67 1.77 -23.34
CA MET B 20 10.86 3.08 -22.70
C MET B 20 10.34 2.96 -21.26
N TRP B 21 11.15 3.35 -20.29
CA TRP B 21 10.75 3.40 -18.86
C TRP B 21 9.89 4.64 -18.64
N VAL B 22 8.73 4.47 -18.01
CA VAL B 22 7.81 5.61 -17.76
C VAL B 22 7.73 5.82 -16.24
N GLY B 23 8.44 6.83 -15.74
CA GLY B 23 8.45 7.18 -14.31
C GLY B 23 7.92 8.58 -14.04
N LEU B 24 7.29 9.23 -15.02
CA LEU B 24 6.71 10.58 -14.80
C LEU B 24 5.37 10.48 -14.07
N ALA B 25 4.80 9.28 -13.89
CA ALA B 25 3.73 8.97 -12.91
C ALA B 25 2.46 9.78 -13.18
N ASP B 26 2.06 9.86 -14.43
CA ASP B 26 1.07 10.86 -14.89
C ASP B 26 0.41 10.31 -16.17
N GLY B 27 -0.92 10.27 -16.25
CA GLY B 27 -1.64 9.83 -17.48
C GLY B 27 -1.26 10.66 -18.70
N TYR B 28 -1.05 11.96 -18.54
CA TYR B 28 -0.74 12.90 -19.64
C TYR B 28 0.67 12.58 -20.18
N CYS B 29 1.67 12.52 -19.31
CA CYS B 29 3.07 12.15 -19.71
C CYS B 29 3.11 10.74 -20.33
N ALA B 30 2.36 9.78 -19.79
CA ALA B 30 2.34 8.41 -20.33
C ALA B 30 1.81 8.45 -21.78
N GLU B 31 0.79 9.26 -22.04
CA GLU B 31 0.23 9.39 -23.42
C GLU B 31 1.30 9.96 -24.37
N ILE B 32 2.11 10.92 -23.91
CA ILE B 32 3.18 11.48 -24.78
C ILE B 32 4.12 10.33 -25.17
N ALA B 33 4.55 9.52 -24.20
CA ALA B 33 5.45 8.37 -24.47
C ALA B 33 4.77 7.38 -25.44
N ALA B 34 3.46 7.15 -25.28
CA ALA B 34 2.69 6.16 -26.05
C ALA B 34 2.66 6.56 -27.54
N ASN B 35 2.79 7.85 -27.88
CA ASN B 35 2.75 8.33 -29.29
C ASN B 35 4.06 8.05 -30.04
N VAL B 36 5.15 7.72 -29.34
CA VAL B 36 6.51 7.70 -29.96
C VAL B 36 6.67 6.45 -30.83
N GLY B 37 6.19 5.30 -30.37
CA GLY B 37 6.24 4.03 -31.14
C GLY B 37 7.12 2.96 -30.51
N TYR B 38 7.40 3.05 -29.21
CA TYR B 38 8.11 1.97 -28.47
C TYR B 38 7.26 0.70 -28.53
N ASP B 39 7.92 -0.44 -28.54
CA ASP B 39 7.26 -1.77 -28.51
C ASP B 39 6.59 -1.92 -27.14
N TRP B 40 7.25 -1.48 -26.07
CA TRP B 40 6.70 -1.57 -24.70
C TRP B 40 7.06 -0.34 -23.87
N LEU B 41 6.18 -0.03 -22.93
CA LEU B 41 6.34 1.06 -21.92
C LEU B 41 6.30 0.41 -20.55
N LEU B 42 7.28 0.68 -19.70
CA LEU B 42 7.35 0.19 -18.31
C LEU B 42 6.78 1.28 -17.39
N ILE B 43 5.59 1.04 -16.85
CA ILE B 43 4.95 1.93 -15.85
C ILE B 43 5.55 1.50 -14.50
N ASP B 44 6.43 2.33 -13.95
CA ASP B 44 7.27 1.95 -12.78
C ASP B 44 6.53 2.25 -11.47
N GLY B 45 6.02 1.20 -10.80
CA GLY B 45 5.35 1.32 -9.50
C GLY B 45 6.33 1.09 -8.36
N GLU B 46 7.61 0.87 -8.67
CA GLU B 46 8.65 0.59 -7.65
C GLU B 46 9.47 1.86 -7.38
N HIS B 47 9.85 2.60 -8.41
CA HIS B 47 10.86 3.69 -8.26
C HIS B 47 10.30 5.02 -8.77
N ALA B 48 9.04 5.03 -9.21
CA ALA B 48 8.32 6.29 -9.50
C ALA B 48 7.16 6.38 -8.54
N PRO B 49 6.67 7.61 -8.24
CA PRO B 49 5.61 7.82 -7.25
C PRO B 49 4.22 7.48 -7.81
N ASN B 50 4.00 6.18 -7.98
CA ASN B 50 2.77 5.62 -8.57
C ASN B 50 2.06 4.80 -7.50
N ASP B 51 0.74 4.69 -7.66
CA ASP B 51 -0.11 3.76 -6.88
C ASP B 51 -1.08 3.13 -7.87
N VAL B 52 -1.95 2.25 -7.41
CA VAL B 52 -2.91 1.56 -8.33
C VAL B 52 -3.66 2.62 -9.15
N ARG B 53 -4.16 3.68 -8.52
CA ARG B 53 -5.00 4.68 -9.24
C ARG B 53 -4.18 5.43 -10.30
N SER B 54 -2.95 5.87 -10.01
CA SER B 54 -2.14 6.57 -11.04
C SER B 54 -1.72 5.57 -12.14
N ILE B 55 -1.51 4.30 -11.80
CA ILE B 55 -1.13 3.27 -12.81
C ILE B 55 -2.34 3.05 -13.72
N LEU B 56 -3.56 2.98 -13.17
CA LEU B 56 -4.82 2.84 -13.96
C LEU B 56 -4.92 3.98 -14.98
N ALA B 57 -4.72 5.23 -14.55
CA ALA B 57 -4.81 6.41 -15.42
C ALA B 57 -3.83 6.23 -16.60
N GLN B 58 -2.63 5.73 -16.33
CA GLN B 58 -1.57 5.57 -17.37
C GLN B 58 -1.96 4.44 -18.31
N LEU B 59 -2.50 3.32 -17.81
CA LEU B 59 -3.00 2.21 -18.68
C LEU B 59 -4.08 2.76 -19.60
N GLN B 60 -4.97 3.62 -19.11
CA GLN B 60 -6.10 4.14 -19.91
C GLN B 60 -5.56 5.04 -21.04
N SER B 61 -4.54 5.84 -20.76
CA SER B 61 -3.88 6.72 -21.76
C SER B 61 -3.24 5.90 -22.88
N ILE B 62 -2.45 4.91 -22.47
CA ILE B 62 -1.60 4.07 -23.38
C ILE B 62 -2.48 3.15 -24.22
N ALA B 63 -3.66 2.77 -23.72
CA ALA B 63 -4.52 1.73 -24.32
C ALA B 63 -4.94 2.09 -25.76
N ALA B 64 -5.01 3.37 -26.13
CA ALA B 64 -5.42 3.81 -27.49
C ALA B 64 -4.26 3.63 -28.49
N TYR B 65 -3.07 3.22 -28.05
CA TYR B 65 -1.83 3.23 -28.84
C TYR B 65 -1.29 1.81 -28.93
N PRO B 66 -0.51 1.48 -29.98
CA PRO B 66 0.03 0.13 -30.12
C PRO B 66 1.04 -0.30 -29.05
N SER B 67 1.76 0.61 -28.40
CA SER B 67 2.77 0.27 -27.36
C SER B 67 2.12 -0.62 -26.30
N GLN B 68 2.80 -1.72 -25.93
CA GLN B 68 2.32 -2.67 -24.91
C GLN B 68 2.76 -2.17 -23.52
N ALA B 69 1.83 -2.14 -22.57
CA ALA B 69 2.11 -1.68 -21.19
C ALA B 69 2.63 -2.87 -20.36
N VAL B 70 3.72 -2.63 -19.66
CA VAL B 70 4.26 -3.52 -18.61
C VAL B 70 4.28 -2.72 -17.30
N VAL B 71 3.89 -3.35 -16.21
CA VAL B 71 3.79 -2.65 -14.90
C VAL B 71 4.75 -3.33 -13.93
N ARG B 72 5.63 -2.55 -13.31
CA ARG B 72 6.46 -3.04 -12.20
C ARG B 72 5.83 -2.65 -10.88
N PRO B 73 5.39 -3.62 -10.04
CA PRO B 73 4.93 -3.29 -8.70
C PRO B 73 6.10 -3.00 -7.75
N VAL B 74 5.83 -2.38 -6.60
CA VAL B 74 6.91 -2.00 -5.62
C VAL B 74 7.64 -3.25 -5.11
N SER B 75 6.96 -4.40 -5.07
CA SER B 75 7.53 -5.69 -4.62
C SER B 75 6.63 -6.84 -5.11
N GLY B 76 7.08 -8.07 -4.93
CA GLY B 76 6.29 -9.27 -5.25
C GLY B 76 5.24 -9.52 -4.19
N ASP B 77 4.31 -8.57 -4.03
CA ASP B 77 3.22 -8.63 -3.02
C ASP B 77 1.99 -9.20 -3.70
N VAL B 78 1.50 -10.35 -3.23
CA VAL B 78 0.40 -11.09 -3.91
C VAL B 78 -0.84 -10.19 -4.03
N PRO B 79 -1.30 -9.51 -2.95
CA PRO B 79 -2.49 -8.66 -3.05
C PRO B 79 -2.32 -7.50 -4.05
N LEU B 80 -1.16 -6.88 -4.08
CA LEU B 80 -0.89 -5.77 -5.04
C LEU B 80 -0.90 -6.31 -6.48
N ILE B 81 -0.34 -7.49 -6.72
CA ILE B 81 -0.37 -8.15 -8.06
C ILE B 81 -1.83 -8.35 -8.49
N LYS B 82 -2.67 -8.88 -7.59
CA LYS B 82 -4.15 -8.97 -7.79
C LYS B 82 -4.69 -7.61 -8.25
N GLN B 83 -4.39 -6.54 -7.51
CA GLN B 83 -4.94 -5.19 -7.82
C GLN B 83 -4.49 -4.74 -9.23
N LEU B 84 -3.22 -4.92 -9.57
CA LEU B 84 -2.68 -4.46 -10.88
C LEU B 84 -3.27 -5.29 -12.02
N LEU B 85 -3.47 -6.60 -11.82
CA LEU B 85 -4.10 -7.44 -12.87
C LEU B 85 -5.55 -6.99 -13.09
N ASP B 86 -6.28 -6.63 -12.04
CA ASP B 86 -7.72 -6.31 -12.19
C ASP B 86 -7.91 -4.96 -12.91
N ILE B 87 -6.96 -4.02 -12.77
CA ILE B 87 -7.06 -2.73 -13.50
C ILE B 87 -6.61 -2.94 -14.95
N GLY B 88 -6.10 -4.12 -15.28
CA GLY B 88 -5.95 -4.58 -16.68
C GLY B 88 -4.51 -4.64 -17.15
N ALA B 89 -3.52 -4.53 -16.25
CA ALA B 89 -2.09 -4.75 -16.57
C ALA B 89 -1.91 -6.21 -16.98
N GLN B 90 -1.45 -6.47 -18.20
CA GLN B 90 -1.35 -7.87 -18.72
C GLN B 90 0.07 -8.41 -18.60
N THR B 91 1.06 -7.55 -18.39
CA THR B 91 2.47 -7.97 -18.20
C THR B 91 3.00 -7.33 -16.91
N LEU B 92 3.56 -8.12 -16.01
CA LEU B 92 4.14 -7.62 -14.75
C LEU B 92 5.63 -7.92 -14.73
N LEU B 93 6.39 -6.97 -14.22
CA LEU B 93 7.84 -7.13 -13.96
C LEU B 93 8.03 -7.11 -12.43
N ILE B 94 8.34 -8.25 -11.83
CA ILE B 94 8.48 -8.37 -10.35
C ILE B 94 9.93 -8.09 -9.96
N PRO B 95 10.20 -7.05 -9.12
CA PRO B 95 11.57 -6.75 -8.72
C PRO B 95 12.09 -7.79 -7.72
N MET B 96 13.41 -7.98 -7.71
CA MET B 96 14.19 -8.58 -6.61
C MET B 96 13.67 -10.00 -6.31
N VAL B 97 13.49 -10.81 -7.35
CA VAL B 97 13.13 -12.25 -7.19
C VAL B 97 14.41 -13.04 -6.92
N GLU B 98 14.41 -13.88 -5.90
CA GLU B 98 15.68 -14.42 -5.36
C GLU B 98 15.62 -15.94 -5.15
N SER B 99 14.55 -16.62 -5.53
CA SER B 99 14.45 -18.10 -5.35
C SER B 99 13.39 -18.65 -6.30
N ALA B 100 13.48 -19.94 -6.60
CA ALA B 100 12.44 -20.69 -7.36
C ALA B 100 11.12 -20.61 -6.60
N GLU B 101 11.17 -20.71 -5.26
CA GLU B 101 9.96 -20.69 -4.38
C GLU B 101 9.24 -19.35 -4.58
N GLN B 102 9.97 -18.23 -4.58
CA GLN B 102 9.35 -16.90 -4.77
C GLN B 102 8.81 -16.80 -6.20
N ALA B 103 9.56 -17.26 -7.19
CA ALA B 103 9.13 -17.22 -8.60
C ALA B 103 7.86 -18.05 -8.78
N GLU B 104 7.77 -19.24 -8.19
CA GLU B 104 6.56 -20.10 -8.26
C GLU B 104 5.37 -19.35 -7.65
N LEU B 105 5.57 -18.63 -6.55
CA LEU B 105 4.47 -17.93 -5.86
C LEU B 105 3.96 -16.80 -6.78
N MET B 106 4.87 -16.12 -7.49
CA MET B 106 4.54 -15.04 -8.46
C MET B 106 3.74 -15.63 -9.62
N VAL B 107 4.10 -16.83 -10.11
CA VAL B 107 3.31 -17.53 -11.16
C VAL B 107 1.87 -17.69 -10.64
N LYS B 108 1.71 -18.25 -9.45
CA LYS B 108 0.38 -18.54 -8.87
C LYS B 108 -0.39 -17.22 -8.69
N ALA B 109 0.31 -16.17 -8.28
CA ALA B 109 -0.29 -14.83 -8.01
C ALA B 109 -0.95 -14.30 -9.29
N THR B 110 -0.53 -14.76 -10.48
CA THR B 110 -1.04 -14.26 -11.79
C THR B 110 -2.09 -15.19 -12.40
N ARG B 111 -2.45 -16.30 -11.74
CA ARG B 111 -3.36 -17.31 -12.32
C ARG B 111 -4.55 -17.52 -11.38
N TYR B 112 -5.75 -17.65 -11.94
CA TYR B 112 -6.98 -17.90 -11.16
C TYR B 112 -6.92 -19.26 -10.47
N PRO B 113 -7.65 -19.43 -9.35
CA PRO B 113 -7.85 -20.75 -8.78
C PRO B 113 -8.60 -21.59 -9.80
N PRO B 114 -8.49 -22.94 -9.73
CA PRO B 114 -7.80 -23.62 -8.63
C PRO B 114 -6.28 -23.76 -8.81
N GLU B 115 -5.75 -23.46 -10.01
CA GLU B 115 -4.31 -23.65 -10.34
C GLU B 115 -3.48 -22.53 -9.68
N GLY B 116 -4.04 -21.32 -9.55
CA GLY B 116 -3.34 -20.18 -8.93
C GLY B 116 -4.09 -19.60 -7.74
N ILE B 117 -3.69 -18.40 -7.32
CA ILE B 117 -4.25 -17.72 -6.12
C ILE B 117 -4.67 -16.29 -6.48
N ARG B 118 -4.77 -15.95 -7.76
CA ARG B 118 -5.31 -14.62 -8.17
C ARG B 118 -6.76 -14.48 -7.66
N GLY B 119 -7.04 -13.44 -6.88
CA GLY B 119 -8.40 -13.18 -6.39
C GLY B 119 -9.36 -12.93 -7.54
N VAL B 120 -10.58 -13.45 -7.45
CA VAL B 120 -11.59 -13.38 -8.53
C VAL B 120 -12.51 -12.20 -8.26
N GLY B 121 -12.56 -11.23 -9.17
CA GLY B 121 -13.50 -10.09 -9.07
C GLY B 121 -13.82 -9.54 -10.46
N ALA B 122 -14.26 -10.40 -11.36
CA ALA B 122 -14.41 -10.04 -12.78
C ALA B 122 -15.50 -8.97 -12.97
N ALA B 123 -16.53 -8.91 -12.14
CA ALA B 123 -17.63 -7.92 -12.33
C ALA B 123 -17.10 -6.50 -12.11
N LEU B 124 -16.00 -6.35 -11.36
CA LEU B 124 -15.47 -5.02 -10.95
C LEU B 124 -14.24 -4.60 -11.78
N ALA B 125 -13.69 -5.50 -12.59
CA ALA B 125 -12.32 -5.35 -13.14
C ALA B 125 -12.37 -4.69 -14.51
N ARG B 126 -11.53 -3.66 -14.71
CA ARG B 126 -11.25 -3.16 -16.08
C ARG B 126 -10.68 -4.32 -16.91
N ALA B 127 -9.95 -5.25 -16.30
CA ALA B 127 -9.30 -6.40 -16.99
C ALA B 127 -10.35 -7.16 -17.82
N SER B 128 -11.56 -7.33 -17.30
CA SER B 128 -12.66 -8.11 -17.92
C SER B 128 -13.57 -7.15 -18.69
N ARG B 129 -13.21 -5.87 -18.70
CA ARG B 129 -14.07 -4.72 -19.07
C ARG B 129 -15.44 -4.92 -18.39
N TRP B 130 -15.43 -5.17 -17.09
CA TRP B 130 -16.64 -5.32 -16.24
C TRP B 130 -17.55 -6.40 -16.83
N ASN B 131 -16.94 -7.48 -17.30
CA ASN B 131 -17.57 -8.70 -17.86
C ASN B 131 -18.09 -8.45 -19.28
N ASN B 132 -17.75 -7.33 -19.91
CA ASN B 132 -18.07 -7.12 -21.34
C ASN B 132 -17.20 -8.04 -22.20
N ILE B 133 -16.03 -8.46 -21.70
CA ILE B 133 -15.28 -9.66 -22.20
C ILE B 133 -15.94 -10.88 -21.55
N SER B 134 -16.86 -11.54 -22.27
CA SER B 134 -17.83 -12.49 -21.65
C SER B 134 -17.13 -13.77 -21.16
N ASP B 135 -16.00 -14.18 -21.75
CA ASP B 135 -15.34 -15.46 -21.39
C ASP B 135 -14.04 -15.17 -20.62
N TYR B 136 -13.89 -13.97 -20.07
CA TYR B 136 -12.64 -13.48 -19.43
C TYR B 136 -12.09 -14.55 -18.47
N LEU B 137 -12.93 -15.10 -17.58
CA LEU B 137 -12.42 -16.00 -16.51
C LEU B 137 -11.83 -17.27 -17.14
N GLN B 138 -12.17 -17.60 -18.38
CA GLN B 138 -11.58 -18.75 -19.12
C GLN B 138 -10.36 -18.33 -19.95
N THR B 139 -10.30 -17.10 -20.47
CA THR B 139 -9.28 -16.65 -21.46
C THR B 139 -8.19 -15.77 -20.82
N ALA B 140 -8.35 -15.36 -19.56
CA ALA B 140 -7.47 -14.37 -18.89
C ALA B 140 -6.04 -14.90 -18.82
N ASP B 141 -5.87 -16.09 -18.25
CA ASP B 141 -4.55 -16.63 -17.82
C ASP B 141 -3.62 -16.61 -19.05
N GLU B 142 -4.12 -16.90 -20.24
CA GLU B 142 -3.28 -17.07 -21.47
C GLU B 142 -2.64 -15.75 -21.90
N GLN B 143 -3.27 -14.59 -21.63
CA GLN B 143 -2.74 -13.28 -22.09
C GLN B 143 -1.98 -12.57 -20.95
N ILE B 144 -1.71 -13.26 -19.85
CA ILE B 144 -0.91 -12.70 -18.72
C ILE B 144 0.55 -13.16 -18.91
N CYS B 145 1.46 -12.20 -18.81
CA CYS B 145 2.91 -12.40 -19.00
C CYS B 145 3.61 -12.07 -17.68
N LEU B 146 4.35 -13.02 -17.13
CA LEU B 146 5.13 -12.84 -15.89
C LEU B 146 6.62 -12.68 -16.22
N LEU B 147 7.18 -11.53 -15.83
CA LEU B 147 8.63 -11.25 -15.93
C LEU B 147 9.14 -11.12 -14.49
N VAL B 148 10.32 -11.66 -14.20
CA VAL B 148 10.92 -11.50 -12.84
C VAL B 148 12.30 -10.86 -12.99
N GLN B 149 12.71 -10.08 -12.00
CA GLN B 149 14.02 -9.41 -12.05
C GLN B 149 15.03 -10.22 -11.24
N VAL B 150 16.18 -10.49 -11.87
CA VAL B 150 17.40 -10.96 -11.15
C VAL B 150 18.34 -9.75 -11.04
N GLU B 151 18.59 -9.30 -9.82
CA GLU B 151 19.29 -8.02 -9.55
C GLU B 151 19.95 -8.04 -8.17
N SER B 152 20.25 -9.21 -7.63
CA SER B 152 20.98 -9.42 -6.35
C SER B 152 21.89 -10.64 -6.50
N LYS B 153 22.87 -10.78 -5.61
CA LYS B 153 23.71 -12.00 -5.54
C LYS B 153 22.83 -13.22 -5.27
N LYS B 154 21.84 -13.10 -4.39
CA LYS B 154 20.96 -14.26 -4.07
C LYS B 154 20.19 -14.67 -5.34
N GLY B 155 19.67 -13.70 -6.09
CA GLY B 155 19.09 -13.95 -7.43
C GLY B 155 20.05 -14.74 -8.30
N LEU B 156 21.29 -14.27 -8.48
CA LEU B 156 22.32 -14.96 -9.31
C LEU B 156 22.61 -16.35 -8.71
N ASP B 157 22.54 -16.47 -7.38
CA ASP B 157 22.82 -17.74 -6.66
C ASP B 157 21.70 -18.75 -6.88
N ASN B 158 20.55 -18.32 -7.43
CA ASN B 158 19.34 -19.15 -7.62
C ASN B 158 18.88 -19.08 -9.08
N LEU B 159 19.72 -18.57 -9.97
CA LEU B 159 19.36 -18.31 -11.39
C LEU B 159 18.87 -19.61 -12.07
N ASP B 160 19.63 -20.71 -11.98
CA ASP B 160 19.26 -21.97 -12.68
C ASP B 160 17.89 -22.43 -12.18
N GLU B 161 17.67 -22.31 -10.87
CA GLU B 161 16.42 -22.75 -10.19
C GLU B 161 15.26 -21.87 -10.68
N ILE B 162 15.47 -20.55 -10.79
CA ILE B 162 14.40 -19.63 -11.26
C ILE B 162 14.08 -19.94 -12.73
N LEU B 163 15.10 -20.25 -13.54
CA LEU B 163 14.97 -20.49 -15.01
C LEU B 163 14.22 -21.80 -15.24
N ASN B 164 14.12 -22.65 -14.22
CA ASN B 164 13.40 -23.93 -14.29
C ASN B 164 11.92 -23.78 -13.92
N VAL B 165 11.48 -22.56 -13.56
CA VAL B 165 10.07 -22.34 -13.10
C VAL B 165 9.19 -22.18 -14.34
N ASP B 166 8.26 -23.11 -14.54
CA ASP B 166 7.18 -23.00 -15.54
C ASP B 166 6.29 -21.83 -15.12
N GLY B 167 6.07 -20.90 -16.04
CA GLY B 167 5.20 -19.75 -15.82
C GLY B 167 5.99 -18.46 -15.79
N VAL B 168 7.30 -18.52 -15.56
CA VAL B 168 8.18 -17.35 -15.72
C VAL B 168 8.44 -17.20 -17.22
N ASP B 169 7.95 -16.11 -17.85
CA ASP B 169 8.10 -15.92 -19.30
C ASP B 169 9.46 -15.27 -19.60
N GLY B 170 9.99 -14.48 -18.68
CA GLY B 170 11.19 -13.69 -18.93
C GLY B 170 11.89 -13.32 -17.65
N ILE B 171 13.21 -13.20 -17.73
CA ILE B 171 14.03 -12.71 -16.61
C ILE B 171 14.69 -11.41 -17.08
N PHE B 172 14.43 -10.34 -16.36
CA PHE B 172 14.99 -9.01 -16.61
C PHE B 172 16.10 -8.77 -15.60
N ILE B 173 17.26 -8.35 -16.10
CA ILE B 173 18.44 -7.94 -15.29
C ILE B 173 18.35 -6.46 -14.99
N GLY B 174 18.39 -6.08 -13.71
CA GLY B 174 18.40 -4.68 -13.27
C GLY B 174 19.83 -4.23 -13.01
N PRO B 175 20.51 -3.51 -13.94
CA PRO B 175 21.93 -3.19 -13.75
C PRO B 175 22.20 -2.26 -12.56
N ALA B 176 21.30 -1.33 -12.24
CA ALA B 176 21.48 -0.43 -11.09
C ALA B 176 21.56 -1.24 -9.79
N ASP B 177 20.53 -2.04 -9.51
CA ASP B 177 20.48 -2.88 -8.29
C ASP B 177 21.63 -3.90 -8.34
N LEU B 178 21.91 -4.50 -9.50
CA LEU B 178 22.88 -5.62 -9.54
C LEU B 178 24.29 -5.07 -9.28
N SER B 179 24.65 -3.95 -9.93
CA SER B 179 25.98 -3.32 -9.77
C SER B 179 26.15 -2.89 -8.31
N ALA B 180 25.11 -2.37 -7.65
CA ALA B 180 25.19 -2.01 -6.22
C ALA B 180 25.42 -3.29 -5.39
N ALA B 181 24.68 -4.37 -5.68
CA ALA B 181 24.78 -5.66 -4.95
C ALA B 181 26.22 -6.18 -5.04
N LEU B 182 26.86 -5.97 -6.18
CA LEU B 182 28.22 -6.50 -6.50
C LEU B 182 29.30 -5.56 -5.95
N GLY B 183 28.93 -4.45 -5.32
CA GLY B 183 29.89 -3.49 -4.71
C GLY B 183 30.43 -2.51 -5.74
N TYR B 184 29.70 -2.31 -6.84
CA TYR B 184 30.03 -1.33 -7.91
C TYR B 184 28.86 -0.38 -8.12
N ARG B 185 28.32 0.16 -7.01
CA ARG B 185 27.14 1.05 -7.02
C ARG B 185 27.41 2.24 -7.94
N GLY B 186 26.55 2.46 -8.93
CA GLY B 186 26.63 3.60 -9.86
C GLY B 186 27.56 3.33 -11.03
N ASN B 187 28.18 2.14 -11.09
CA ASN B 187 29.23 1.79 -12.08
C ASN B 187 28.96 0.42 -12.69
N PRO B 188 27.77 0.21 -13.29
CA PRO B 188 27.45 -1.05 -13.95
C PRO B 188 28.33 -1.36 -15.17
N GLY B 189 28.93 -0.31 -15.75
CA GLY B 189 29.80 -0.37 -16.95
C GLY B 189 31.08 -1.18 -16.71
N HIS B 190 31.51 -1.35 -15.46
CA HIS B 190 32.73 -2.13 -15.09
C HIS B 190 32.66 -3.56 -15.64
N GLU B 191 33.78 -4.03 -16.20
CA GLU B 191 33.97 -5.36 -16.80
C GLU B 191 33.46 -6.47 -15.88
N PHE B 192 33.76 -6.42 -14.58
CA PHE B 192 33.32 -7.43 -13.58
C PHE B 192 31.80 -7.58 -13.67
N VAL B 193 31.08 -6.45 -13.66
CA VAL B 193 29.60 -6.44 -13.71
C VAL B 193 29.14 -6.89 -15.10
N GLN B 194 29.72 -6.35 -16.17
CA GLN B 194 29.30 -6.66 -17.57
C GLN B 194 29.49 -8.15 -17.87
N ASN B 195 30.59 -8.77 -17.44
CA ASN B 195 30.82 -10.21 -17.73
C ASN B 195 29.72 -11.03 -17.07
N ILE B 196 29.31 -10.67 -15.85
CA ILE B 196 28.19 -11.36 -15.13
C ILE B 196 26.89 -11.13 -15.92
N ILE B 197 26.63 -9.91 -16.37
CA ILE B 197 25.38 -9.62 -17.13
C ILE B 197 25.35 -10.48 -18.40
N VAL B 198 26.43 -10.54 -19.17
CA VAL B 198 26.47 -11.28 -20.47
C VAL B 198 26.22 -12.77 -20.20
N GLN B 199 26.91 -13.35 -19.21
CA GLN B 199 26.77 -14.79 -18.90
C GLN B 199 25.32 -15.05 -18.48
N THR B 200 24.75 -14.16 -17.66
CA THR B 200 23.35 -14.24 -17.17
C THR B 200 22.39 -14.24 -18.37
N ILE B 201 22.55 -13.31 -19.30
CA ILE B 201 21.71 -13.26 -20.54
C ILE B 201 21.84 -14.62 -21.25
N GLN B 202 23.07 -15.10 -21.47
CA GLN B 202 23.31 -16.38 -22.21
C GLN B 202 22.54 -17.52 -21.54
N LYS B 203 22.61 -17.62 -20.21
CA LYS B 203 21.96 -18.69 -19.40
C LYS B 203 20.44 -18.58 -19.51
N ILE B 204 19.91 -17.35 -19.43
CA ILE B 204 18.45 -17.11 -19.55
C ILE B 204 17.97 -17.66 -20.90
N ARG B 205 18.61 -17.27 -21.99
CA ARG B 205 18.16 -17.66 -23.35
C ARG B 205 18.41 -19.17 -23.56
N ALA B 206 19.48 -19.71 -22.99
CA ALA B 206 19.82 -21.14 -23.06
C ALA B 206 18.67 -21.96 -22.45
N ALA B 207 17.98 -21.43 -21.43
CA ALA B 207 16.90 -22.15 -20.71
C ALA B 207 15.56 -21.93 -21.43
N GLY B 208 15.54 -21.21 -22.55
CA GLY B 208 14.32 -20.98 -23.36
C GLY B 208 13.46 -19.87 -22.80
N LYS B 209 13.99 -19.04 -21.90
CA LYS B 209 13.23 -17.88 -21.36
C LYS B 209 13.66 -16.64 -22.14
N ALA B 210 12.80 -15.62 -22.17
CA ALA B 210 13.15 -14.29 -22.71
C ALA B 210 14.08 -13.59 -21.71
N ALA B 211 15.14 -12.96 -22.21
CA ALA B 211 16.05 -12.11 -21.41
C ALA B 211 15.69 -10.65 -21.67
N GLY B 212 15.81 -9.83 -20.64
CA GLY B 212 15.57 -8.39 -20.72
C GLY B 212 16.54 -7.60 -19.88
N ILE B 213 16.63 -6.29 -20.16
CA ILE B 213 17.58 -5.39 -19.49
C ILE B 213 17.22 -3.96 -19.89
N LEU B 214 17.66 -3.01 -19.07
CA LEU B 214 17.65 -1.56 -19.37
C LEU B 214 19.10 -1.07 -19.42
N SER B 215 19.47 -0.33 -20.45
CA SER B 215 20.66 0.55 -20.47
C SER B 215 20.34 1.79 -21.29
N ALA B 216 20.55 2.96 -20.67
CA ALA B 216 20.54 4.29 -21.30
C ALA B 216 21.83 4.51 -22.10
N ASP B 217 22.79 3.59 -22.00
CA ASP B 217 24.03 3.64 -22.83
C ASP B 217 23.73 2.97 -24.18
N GLU B 218 23.79 3.74 -25.27
CA GLU B 218 23.46 3.25 -26.63
C GLU B 218 24.35 2.06 -26.99
N LYS B 219 25.65 2.13 -26.69
CA LYS B 219 26.59 1.04 -27.06
C LYS B 219 26.23 -0.23 -26.29
N LEU B 220 25.99 -0.14 -24.97
CA LEU B 220 25.63 -1.32 -24.16
C LEU B 220 24.30 -1.90 -24.69
N ALA B 221 23.29 -1.05 -24.92
CA ALA B 221 21.95 -1.49 -25.41
C ALA B 221 22.12 -2.24 -26.73
N LYS B 222 22.88 -1.70 -27.67
CA LYS B 222 23.12 -2.37 -28.97
C LYS B 222 23.89 -3.68 -28.77
N GLN B 223 24.83 -3.73 -27.81
CA GLN B 223 25.57 -4.99 -27.50
C GLN B 223 24.56 -6.02 -27.00
N TYR B 224 23.65 -5.64 -26.09
CA TYR B 224 22.66 -6.58 -25.51
C TYR B 224 21.75 -7.08 -26.64
N LEU B 225 21.35 -6.20 -27.56
CA LEU B 225 20.51 -6.58 -28.73
C LEU B 225 21.29 -7.57 -29.62
N GLU B 226 22.59 -7.37 -29.82
CA GLU B 226 23.43 -8.29 -30.66
C GLU B 226 23.48 -9.69 -30.03
N LEU B 227 23.38 -9.79 -28.70
CA LEU B 227 23.37 -11.08 -27.96
C LEU B 227 22.01 -11.80 -28.11
N GLY B 228 20.98 -11.14 -28.63
CA GLY B 228 19.64 -11.73 -28.83
C GLY B 228 18.69 -11.40 -27.69
N THR B 229 19.06 -10.50 -26.78
CA THR B 229 18.18 -10.07 -25.66
C THR B 229 16.82 -9.66 -26.21
N GLU B 230 15.74 -10.25 -25.69
CA GLU B 230 14.39 -10.19 -26.29
C GLU B 230 13.67 -8.87 -25.95
N PHE B 231 13.89 -8.28 -24.77
CA PHE B 231 13.20 -7.02 -24.38
C PHE B 231 14.22 -6.10 -23.70
N VAL B 232 14.54 -5.01 -24.39
CA VAL B 232 15.61 -4.04 -24.03
C VAL B 232 14.97 -2.66 -23.91
N ALA B 233 14.96 -2.11 -22.69
CA ALA B 233 14.56 -0.72 -22.45
C ALA B 233 15.81 0.14 -22.69
N VAL B 234 15.65 1.23 -23.45
CA VAL B 234 16.80 2.01 -23.99
C VAL B 234 16.85 3.42 -23.39
N GLY B 235 15.88 3.76 -22.54
CA GLY B 235 15.88 5.05 -21.85
C GLY B 235 14.79 5.15 -20.80
N VAL B 236 14.73 6.30 -20.15
CA VAL B 236 13.86 6.62 -19.00
C VAL B 236 13.31 8.02 -19.26
N ASP B 237 12.00 8.20 -19.15
CA ASP B 237 11.37 9.50 -19.47
C ASP B 237 11.92 10.60 -18.56
N THR B 238 12.05 10.39 -17.25
CA THR B 238 12.59 11.43 -16.32
C THR B 238 13.98 11.86 -16.82
N SER B 239 14.85 10.89 -17.10
CA SER B 239 16.25 11.13 -17.58
C SER B 239 16.24 11.95 -18.88
N LEU B 240 15.44 11.55 -19.87
CA LEU B 240 15.40 12.23 -21.18
C LEU B 240 14.84 13.65 -21.02
N LEU B 241 13.81 13.82 -20.19
CA LEU B 241 13.26 15.18 -19.95
C LEU B 241 14.37 16.05 -19.34
N MET B 242 15.03 15.58 -18.29
CA MET B 242 16.05 16.39 -17.57
C MET B 242 17.22 16.71 -18.53
N LYS B 243 17.72 15.69 -19.25
CA LYS B 243 18.90 15.81 -20.14
C LYS B 243 18.59 16.78 -21.30
N SER B 244 17.41 16.66 -21.92
CA SER B 244 17.02 17.51 -23.08
C SER B 244 16.95 18.97 -22.63
N MET B 245 16.45 19.24 -21.42
CA MET B 245 16.30 20.63 -20.92
C MET B 245 17.68 21.19 -20.55
N LYS B 246 18.57 20.36 -19.97
CA LYS B 246 19.93 20.80 -19.61
C LYS B 246 20.75 21.11 -20.87
N GLN B 247 20.72 20.20 -21.85
CA GLN B 247 21.50 20.34 -23.12
C GLN B 247 21.04 21.63 -23.84
N LEU B 248 19.74 21.90 -23.85
CA LEU B 248 19.20 23.13 -24.47
C LEU B 248 19.72 24.36 -23.71
N LEU B 249 19.64 24.37 -22.38
CA LEU B 249 20.05 25.56 -21.60
C LEU B 249 21.56 25.82 -21.84
N SER B 250 22.36 24.76 -21.95
CA SER B 250 23.83 24.86 -22.12
C SER B 250 24.20 25.62 -23.41
N LYS B 251 23.32 25.68 -24.40
CA LYS B 251 23.57 26.42 -25.68
C LYS B 251 23.44 27.93 -25.45
N PHE B 252 22.81 28.35 -24.36
CA PHE B 252 22.55 29.77 -24.03
C PHE B 252 23.22 30.16 -22.71
N LYS B 253 23.54 29.16 -21.86
CA LYS B 253 23.95 29.23 -20.43
C LYS B 253 23.30 30.44 -19.75
N MET C 1 -19.84 15.58 21.00
CA MET C 1 -20.41 14.57 20.07
C MET C 1 -20.25 13.16 20.68
N VAL C 2 -21.22 12.27 20.44
CA VAL C 2 -21.13 10.83 20.83
C VAL C 2 -20.66 10.05 19.58
N ASN C 3 -20.00 8.91 19.79
CA ASN C 3 -19.47 8.06 18.69
C ASN C 3 -20.64 7.72 17.75
N THR C 4 -20.39 7.70 16.44
CA THR C 4 -21.35 7.22 15.41
C THR C 4 -21.84 5.81 15.79
N VAL C 5 -23.14 5.61 15.97
CA VAL C 5 -23.68 4.26 16.32
C VAL C 5 -23.59 3.39 15.06
N ASN C 6 -23.07 2.17 15.20
CA ASN C 6 -22.98 1.22 14.06
C ASN C 6 -24.30 0.44 14.00
N TYR C 7 -25.25 0.92 13.22
CA TYR C 7 -26.60 0.34 13.06
C TYR C 7 -26.48 -0.97 12.27
N PHE C 8 -25.52 -1.06 11.34
CA PHE C 8 -25.23 -2.30 10.60
C PHE C 8 -24.95 -3.40 11.62
N LYS C 9 -24.06 -3.10 12.57
CA LYS C 9 -23.65 -4.06 13.60
C LYS C 9 -24.88 -4.52 14.41
N GLN C 10 -25.69 -3.58 14.89
CA GLN C 10 -26.89 -3.87 15.72
C GLN C 10 -27.89 -4.72 14.90
N LYS C 11 -28.08 -4.36 13.64
CA LYS C 11 -29.12 -4.97 12.78
C LYS C 11 -28.72 -6.39 12.37
N LEU C 12 -27.47 -6.81 12.56
CA LEU C 12 -27.04 -8.21 12.35
C LEU C 12 -27.88 -9.16 13.21
N LYS C 13 -28.44 -8.67 14.33
CA LYS C 13 -29.20 -9.51 15.29
C LYS C 13 -30.71 -9.30 15.13
N THR C 14 -31.17 -8.32 14.35
CA THR C 14 -32.59 -7.88 14.38
C THR C 14 -33.26 -7.92 12.99
N GLU C 15 -32.53 -7.91 11.88
CA GLU C 15 -33.18 -7.89 10.54
C GLU C 15 -32.23 -8.42 9.47
N GLN C 16 -32.73 -8.49 8.24
CA GLN C 16 -31.93 -8.89 7.06
C GLN C 16 -31.62 -7.62 6.29
N GLN C 17 -30.34 -7.33 6.11
CA GLN C 17 -29.85 -6.05 5.53
C GLN C 17 -29.49 -6.26 4.07
N ILE C 18 -30.08 -5.47 3.19
CA ILE C 18 -29.86 -5.52 1.71
C ILE C 18 -28.73 -4.57 1.34
N GLY C 19 -27.76 -5.07 0.58
CA GLY C 19 -26.48 -4.39 0.31
C GLY C 19 -26.27 -4.13 -1.17
N MET C 20 -25.47 -3.11 -1.45
CA MET C 20 -25.03 -2.78 -2.83
C MET C 20 -23.50 -2.70 -2.80
N TRP C 21 -22.84 -3.37 -3.74
CA TRP C 21 -21.38 -3.32 -3.90
C TRP C 21 -21.00 -2.02 -4.63
N VAL C 22 -20.02 -1.30 -4.11
CA VAL C 22 -19.62 0.01 -4.66
C VAL C 22 -18.18 -0.11 -5.12
N GLY C 23 -17.97 -0.32 -6.43
CA GLY C 23 -16.64 -0.44 -7.05
C GLY C 23 -16.37 0.66 -8.05
N LEU C 24 -17.17 1.74 -8.09
CA LEU C 24 -16.90 2.85 -9.03
C LEU C 24 -15.80 3.77 -8.48
N ALA C 25 -15.40 3.61 -7.21
CA ALA C 25 -14.11 4.10 -6.67
C ALA C 25 -14.05 5.63 -6.71
N ASP C 26 -15.16 6.28 -6.40
CA ASP C 26 -15.36 7.70 -6.68
C ASP C 26 -16.37 8.26 -5.67
N GLY C 27 -16.06 9.36 -4.98
CA GLY C 27 -16.99 10.00 -4.01
C GLY C 27 -18.33 10.38 -4.62
N TYR C 28 -18.34 10.80 -5.89
CA TYR C 28 -19.57 11.23 -6.59
C TYR C 28 -20.46 10.02 -6.88
N CYS C 29 -19.92 8.96 -7.48
CA CYS C 29 -20.66 7.68 -7.70
C CYS C 29 -21.15 7.07 -6.38
N ALA C 30 -20.34 7.09 -5.33
CA ALA C 30 -20.73 6.57 -4.01
C ALA C 30 -21.95 7.35 -3.48
N GLU C 31 -21.97 8.67 -3.65
CA GLU C 31 -23.13 9.48 -3.20
C GLU C 31 -24.39 9.07 -4.00
N ILE C 32 -24.28 8.79 -5.29
CA ILE C 32 -25.47 8.37 -6.08
C ILE C 32 -26.03 7.09 -5.43
N ALA C 33 -25.15 6.13 -5.13
CA ALA C 33 -25.55 4.85 -4.51
C ALA C 33 -26.20 5.12 -3.14
N ALA C 34 -25.63 6.04 -2.36
CA ALA C 34 -26.10 6.39 -1.00
C ALA C 34 -27.55 6.90 -1.02
N ASN C 35 -28.02 7.50 -2.12
CA ASN C 35 -29.40 8.07 -2.21
C ASN C 35 -30.46 7.00 -2.41
N VAL C 36 -30.09 5.79 -2.81
CA VAL C 36 -31.08 4.76 -3.25
C VAL C 36 -31.85 4.22 -2.04
N GLY C 37 -31.17 3.92 -0.92
CA GLY C 37 -31.83 3.40 0.31
C GLY C 37 -31.40 1.98 0.67
N TYR C 38 -30.24 1.52 0.18
CA TYR C 38 -29.65 0.22 0.59
C TYR C 38 -29.35 0.27 2.09
N ASP C 39 -29.46 -0.86 2.76
CA ASP C 39 -29.14 -0.95 4.20
C ASP C 39 -27.63 -0.76 4.38
N TRP C 40 -26.84 -1.31 3.45
CA TRP C 40 -25.36 -1.17 3.50
C TRP C 40 -24.78 -1.01 2.09
N LEU C 41 -23.62 -0.36 2.06
CA LEU C 41 -22.83 -0.12 0.84
C LEU C 41 -21.44 -0.70 1.12
N LEU C 42 -20.96 -1.58 0.24
CA LEU C 42 -19.61 -2.18 0.35
C LEU C 42 -18.65 -1.36 -0.49
N ILE C 43 -17.78 -0.58 0.15
CA ILE C 43 -16.70 0.16 -0.56
C ILE C 43 -15.55 -0.82 -0.73
N ASP C 44 -15.33 -1.24 -1.97
CA ASP C 44 -14.45 -2.39 -2.29
C ASP C 44 -13.01 -1.91 -2.51
N GLY C 45 -12.14 -2.10 -1.52
CA GLY C 45 -10.71 -1.79 -1.61
C GLY C 45 -9.90 -2.98 -2.09
N GLU C 46 -10.56 -4.10 -2.41
CA GLU C 46 -9.88 -5.33 -2.86
C GLU C 46 -9.96 -5.45 -4.38
N HIS C 47 -11.12 -5.18 -4.98
CA HIS C 47 -11.36 -5.50 -6.42
C HIS C 47 -11.77 -4.26 -7.20
N ALA C 48 -11.83 -3.09 -6.57
CA ALA C 48 -11.98 -1.81 -7.28
C ALA C 48 -10.73 -0.99 -7.04
N PRO C 49 -10.37 -0.04 -7.95
CA PRO C 49 -9.14 0.74 -7.82
C PRO C 49 -9.27 1.85 -6.76
N ASN C 50 -9.23 1.43 -5.50
CA ASN C 50 -9.40 2.30 -4.32
C ASN C 50 -8.11 2.28 -3.49
N ASP C 51 -7.89 3.36 -2.75
CA ASP C 51 -6.83 3.46 -1.73
C ASP C 51 -7.44 4.15 -0.51
N VAL C 52 -6.68 4.33 0.56
CA VAL C 52 -7.21 5.00 1.78
C VAL C 52 -7.86 6.31 1.37
N ARG C 53 -7.21 7.13 0.55
CA ARG C 53 -7.73 8.49 0.25
C ARG C 53 -9.04 8.43 -0.54
N SER C 54 -9.16 7.55 -1.54
CA SER C 54 -10.42 7.44 -2.32
C SER C 54 -11.51 6.82 -1.42
N ILE C 55 -11.17 5.92 -0.51
CA ILE C 55 -12.16 5.32 0.42
C ILE C 55 -12.67 6.41 1.37
N LEU C 56 -11.78 7.29 1.87
CA LEU C 56 -12.15 8.43 2.74
C LEU C 56 -13.18 9.31 2.03
N ALA C 57 -12.93 9.66 0.77
CA ALA C 57 -13.83 10.52 -0.03
C ALA C 57 -15.23 9.86 -0.06
N GLN C 58 -15.29 8.54 -0.24
CA GLN C 58 -16.57 7.80 -0.37
C GLN C 58 -17.27 7.75 1.00
N LEU C 59 -16.52 7.52 2.09
CA LEU C 59 -17.09 7.58 3.47
C LEU C 59 -17.72 8.96 3.68
N GLN C 60 -17.05 10.03 3.26
CA GLN C 60 -17.54 11.42 3.47
C GLN C 60 -18.84 11.63 2.68
N SER C 61 -18.91 11.15 1.44
CA SER C 61 -20.12 11.24 0.58
C SER C 61 -21.30 10.52 1.25
N ILE C 62 -21.07 9.28 1.66
CA ILE C 62 -22.12 8.34 2.18
C ILE C 62 -22.61 8.79 3.57
N ALA C 63 -21.77 9.47 4.35
CA ALA C 63 -22.02 9.82 5.77
C ALA C 63 -23.31 10.64 5.95
N ALA C 64 -23.75 11.44 4.98
CA ALA C 64 -24.98 12.27 5.08
C ALA C 64 -26.25 11.42 4.90
N TYR C 65 -26.12 10.12 4.59
CA TYR C 65 -27.25 9.24 4.20
C TYR C 65 -27.36 8.11 5.21
N PRO C 66 -28.56 7.50 5.35
CA PRO C 66 -28.74 6.41 6.29
C PRO C 66 -27.98 5.11 5.96
N SER C 67 -27.67 4.83 4.69
CA SER C 67 -26.93 3.60 4.29
C SER C 67 -25.65 3.47 5.13
N GLN C 68 -25.39 2.27 5.65
CA GLN C 68 -24.21 1.99 6.49
C GLN C 68 -23.04 1.60 5.59
N ALA C 69 -21.86 2.19 5.81
CA ALA C 69 -20.66 1.90 5.00
C ALA C 69 -19.92 0.69 5.62
N VAL C 70 -19.56 -0.23 4.75
CA VAL C 70 -18.69 -1.40 5.04
C VAL C 70 -17.51 -1.29 4.07
N VAL C 71 -16.29 -1.49 4.54
CA VAL C 71 -15.08 -1.35 3.70
C VAL C 71 -14.40 -2.72 3.64
N ARG C 72 -14.10 -3.18 2.42
CA ARG C 72 -13.24 -4.36 2.19
C ARG C 72 -11.81 -3.91 1.90
N PRO C 73 -10.84 -4.16 2.80
CA PRO C 73 -9.44 -3.94 2.44
C PRO C 73 -8.93 -5.00 1.46
N VAL C 74 -7.83 -4.70 0.75
CA VAL C 74 -7.23 -5.60 -0.27
C VAL C 74 -6.84 -6.95 0.36
N SER C 75 -6.53 -6.98 1.66
CA SER C 75 -6.14 -8.20 2.39
C SER C 75 -6.23 -7.94 3.89
N GLY C 76 -6.07 -8.97 4.70
CA GLY C 76 -6.08 -8.84 6.17
C GLY C 76 -4.76 -8.28 6.68
N ASP C 77 -4.41 -7.08 6.26
CA ASP C 77 -3.13 -6.42 6.59
C ASP C 77 -3.37 -5.51 7.80
N VAL C 78 -2.70 -5.78 8.92
CA VAL C 78 -2.98 -5.08 10.20
C VAL C 78 -2.80 -3.57 10.01
N PRO C 79 -1.68 -3.07 9.42
CA PRO C 79 -1.51 -1.62 9.24
C PRO C 79 -2.58 -0.98 8.36
N LEU C 80 -3.03 -1.64 7.28
CA LEU C 80 -4.11 -1.10 6.41
C LEU C 80 -5.42 -1.03 7.21
N ILE C 81 -5.72 -2.07 8.00
CA ILE C 81 -6.92 -2.07 8.89
C ILE C 81 -6.87 -0.87 9.84
N LYS C 82 -5.72 -0.60 10.48
CA LYS C 82 -5.49 0.62 11.30
C LYS C 82 -5.87 1.86 10.48
N GLN C 83 -5.39 1.97 9.24
CA GLN C 83 -5.62 3.18 8.40
C GLN C 83 -7.11 3.34 8.10
N LEU C 84 -7.80 2.25 7.75
CA LEU C 84 -9.25 2.31 7.37
C LEU C 84 -10.09 2.61 8.61
N LEU C 85 -9.76 2.08 9.78
CA LEU C 85 -10.49 2.42 11.05
C LEU C 85 -10.31 3.93 11.37
N ASP C 86 -9.13 4.49 11.14
CA ASP C 86 -8.88 5.89 11.57
C ASP C 86 -9.62 6.88 10.66
N ILE C 87 -9.83 6.55 9.37
CA ILE C 87 -10.62 7.42 8.46
C ILE C 87 -12.12 7.26 8.77
N GLY C 88 -12.49 6.29 9.60
CA GLY C 88 -13.81 6.23 10.26
C GLY C 88 -14.69 5.10 9.75
N ALA C 89 -14.13 4.12 9.02
CA ALA C 89 -14.85 2.90 8.60
C ALA C 89 -15.16 2.09 9.85
N GLN C 90 -16.43 1.79 10.12
CA GLN C 90 -16.82 1.14 11.39
C GLN C 90 -17.08 -0.36 11.18
N THR C 91 -17.24 -0.79 9.94
CA THR C 91 -17.45 -2.22 9.61
C THR C 91 -16.44 -2.62 8.54
N LEU C 92 -15.67 -3.67 8.78
CA LEU C 92 -14.66 -4.17 7.81
C LEU C 92 -15.03 -5.58 7.38
N LEU C 93 -14.82 -5.85 6.09
CA LEU C 93 -15.00 -7.19 5.51
C LEU C 93 -13.62 -7.66 5.07
N ILE C 94 -13.02 -8.62 5.78
CA ILE C 94 -11.65 -9.11 5.50
C ILE C 94 -11.72 -10.26 4.50
N PRO C 95 -11.08 -10.16 3.31
CA PRO C 95 -11.12 -11.24 2.33
C PRO C 95 -10.23 -12.42 2.74
N MET C 96 -10.61 -13.61 2.29
CA MET C 96 -9.73 -14.80 2.23
C MET C 96 -9.19 -15.11 3.63
N VAL C 97 -10.06 -15.16 4.63
CA VAL C 97 -9.70 -15.64 5.99
C VAL C 97 -9.76 -17.17 6.00
N GLU C 98 -8.69 -17.80 6.49
CA GLU C 98 -8.47 -19.25 6.26
C GLU C 98 -8.17 -20.01 7.56
N SER C 99 -8.18 -19.36 8.73
CA SER C 99 -7.84 -20.04 10.01
C SER C 99 -8.38 -19.22 11.20
N ALA C 100 -8.59 -19.89 12.33
CA ALA C 100 -8.95 -19.26 13.62
C ALA C 100 -7.84 -18.26 14.00
N GLU C 101 -6.57 -18.61 13.78
CA GLU C 101 -5.39 -17.78 14.16
C GLU C 101 -5.46 -16.46 13.37
N GLN C 102 -5.74 -16.52 12.07
CA GLN C 102 -5.90 -15.30 11.23
C GLN C 102 -7.11 -14.50 11.73
N ALA C 103 -8.24 -15.14 12.01
CA ALA C 103 -9.46 -14.45 12.47
C ALA C 103 -9.20 -13.76 13.82
N GLU C 104 -8.50 -14.42 14.75
CA GLU C 104 -8.15 -13.83 16.06
C GLU C 104 -7.28 -12.58 15.82
N LEU C 105 -6.34 -12.64 14.87
CA LEU C 105 -5.44 -11.50 14.62
C LEU C 105 -6.26 -10.33 14.06
N MET C 106 -7.26 -10.61 13.21
CA MET C 106 -8.17 -9.57 12.64
C MET C 106 -9.00 -8.96 13.76
N VAL C 107 -9.44 -9.75 14.75
CA VAL C 107 -10.17 -9.22 15.94
C VAL C 107 -9.24 -8.21 16.63
N LYS C 108 -8.00 -8.60 16.93
CA LYS C 108 -7.05 -7.73 17.67
C LYS C 108 -6.75 -6.46 16.87
N ALA C 109 -6.63 -6.60 15.56
CA ALA C 109 -6.34 -5.49 14.61
C ALA C 109 -7.42 -4.41 14.74
N THR C 110 -8.64 -4.76 15.17
CA THR C 110 -9.78 -3.81 15.27
C THR C 110 -9.98 -3.25 16.69
N ARG C 111 -9.19 -3.66 17.68
CA ARG C 111 -9.38 -3.25 19.09
C ARG C 111 -8.12 -2.56 19.62
N TYR C 112 -8.30 -1.53 20.43
CA TYR C 112 -7.17 -0.77 21.01
C TYR C 112 -6.43 -1.65 22.01
N PRO C 113 -5.13 -1.37 22.26
CA PRO C 113 -4.42 -1.99 23.36
C PRO C 113 -5.10 -1.56 24.65
N PRO C 114 -4.96 -2.32 25.75
CA PRO C 114 -4.08 -3.50 25.80
C PRO C 114 -4.68 -4.80 25.26
N GLU C 115 -5.99 -4.84 24.98
CA GLU C 115 -6.70 -6.07 24.54
C GLU C 115 -6.39 -6.35 23.06
N GLY C 116 -6.25 -5.31 22.23
CA GLY C 116 -5.95 -5.47 20.80
C GLY C 116 -4.65 -4.79 20.38
N ILE C 117 -4.45 -4.63 19.07
CA ILE C 117 -3.18 -4.07 18.50
C ILE C 117 -3.50 -2.91 17.56
N ARG C 118 -4.73 -2.38 17.59
CA ARG C 118 -5.08 -1.17 16.79
C ARG C 118 -4.21 0.02 17.22
N GLY C 119 -3.47 0.60 16.28
CA GLY C 119 -2.64 1.78 16.56
C GLY C 119 -3.50 2.94 17.04
N VAL C 120 -2.98 3.70 18.00
CA VAL C 120 -3.71 4.82 18.65
C VAL C 120 -3.25 6.13 18.02
N GLY C 121 -4.18 6.86 17.40
CA GLY C 121 -3.92 8.21 16.88
C GLY C 121 -5.20 9.04 16.84
N ALA C 122 -5.89 9.14 17.97
CA ALA C 122 -7.23 9.73 18.03
C ALA C 122 -7.19 11.22 17.63
N ALA C 123 -6.10 11.95 17.90
CA ALA C 123 -6.04 13.41 17.60
C ALA C 123 -6.09 13.65 16.08
N LEU C 124 -5.72 12.65 15.27
CA LEU C 124 -5.57 12.77 13.80
C LEU C 124 -6.73 12.13 13.04
N ALA C 125 -7.60 11.38 13.72
CA ALA C 125 -8.55 10.44 13.08
C ALA C 125 -9.89 11.12 12.82
N ARG C 126 -10.41 10.97 11.60
CA ARG C 126 -11.84 11.28 11.33
C ARG C 126 -12.68 10.40 12.26
N ALA C 127 -12.23 9.18 12.58
CA ALA C 127 -12.98 8.22 13.42
C ALA C 127 -13.41 8.88 14.75
N SER C 128 -12.53 9.68 15.36
CA SER C 128 -12.77 10.36 16.67
C SER C 128 -13.32 11.75 16.41
N ARG C 129 -13.54 12.08 15.13
CA ARG C 129 -13.73 13.47 14.63
C ARG C 129 -12.69 14.37 15.31
N TRP C 130 -11.42 13.98 15.24
CA TRP C 130 -10.24 14.72 15.73
C TRP C 130 -10.44 15.09 17.22
N ASN C 131 -10.98 14.12 17.96
CA ASN C 131 -11.25 14.13 19.42
C ASN C 131 -12.47 15.00 19.74
N ASN C 132 -13.26 15.40 18.75
CA ASN C 132 -14.53 16.10 19.02
C ASN C 132 -15.53 15.10 19.61
N ILE C 133 -15.38 13.81 19.33
CA ILE C 133 -15.99 12.70 20.12
C ILE C 133 -15.10 12.50 21.35
N SER C 134 -15.44 13.13 22.48
CA SER C 134 -14.50 13.31 23.63
C SER C 134 -14.14 11.96 24.28
N ASP C 135 -15.00 10.94 24.18
CA ASP C 135 -14.77 9.65 24.91
C ASP C 135 -14.43 8.55 23.90
N TYR C 136 -14.01 8.91 22.68
CA TYR C 136 -13.78 7.94 21.57
C TYR C 136 -12.95 6.74 22.06
N LEU C 137 -11.80 6.97 22.72
CA LEU C 137 -10.86 5.86 23.05
C LEU C 137 -11.53 4.86 23.99
N GLN C 138 -12.58 5.26 24.70
CA GLN C 138 -13.39 4.34 25.57
C GLN C 138 -14.56 3.72 24.80
N THR C 139 -15.16 4.42 23.84
CA THR C 139 -16.43 4.00 23.17
C THR C 139 -16.20 3.39 21.77
N ALA C 140 -14.98 3.42 21.26
CA ALA C 140 -14.68 3.04 19.85
C ALA C 140 -15.01 1.56 19.63
N ASP C 141 -14.41 0.69 20.47
CA ASP C 141 -14.37 -0.78 20.24
C ASP C 141 -15.81 -1.28 20.04
N GLU C 142 -16.79 -0.74 20.79
CA GLU C 142 -18.18 -1.27 20.79
C GLU C 142 -18.87 -1.02 19.44
N GLN C 143 -18.52 0.03 18.68
CA GLN C 143 -19.21 0.34 17.39
C GLN C 143 -18.41 -0.21 16.21
N ILE C 144 -17.37 -0.99 16.44
CA ILE C 144 -16.59 -1.65 15.36
C ILE C 144 -17.16 -3.05 15.13
N CYS C 145 -17.42 -3.36 13.87
CA CYS C 145 -17.98 -4.65 13.41
C CYS C 145 -16.96 -5.35 12.51
N LEU C 146 -16.55 -6.56 12.87
CA LEU C 146 -15.60 -7.35 12.05
C LEU C 146 -16.32 -8.46 11.29
N LEU C 147 -16.22 -8.44 9.96
CA LEU C 147 -16.75 -9.50 9.09
C LEU C 147 -15.54 -10.17 8.43
N VAL C 148 -15.56 -11.48 8.30
CA VAL C 148 -14.48 -12.22 7.61
C VAL C 148 -15.09 -13.02 6.47
N GLN C 149 -14.34 -13.17 5.38
CA GLN C 149 -14.81 -13.93 4.20
C GLN C 149 -14.27 -15.35 4.26
N VAL C 150 -15.17 -16.32 4.09
CA VAL C 150 -14.77 -17.72 3.78
C VAL C 150 -15.04 -17.95 2.29
N GLU C 151 -13.98 -18.19 1.53
CA GLU C 151 -14.07 -18.21 0.05
C GLU C 151 -12.93 -19.03 -0.55
N SER C 152 -12.44 -20.02 0.19
CA SER C 152 -11.39 -20.98 -0.25
C SER C 152 -11.65 -22.32 0.43
N LYS C 153 -11.07 -23.39 -0.10
CA LYS C 153 -11.16 -24.73 0.53
C LYS C 153 -10.58 -24.68 1.93
N LYS C 154 -9.45 -24.00 2.12
CA LYS C 154 -8.81 -23.91 3.46
C LYS C 154 -9.76 -23.18 4.43
N GLY C 155 -10.41 -22.11 3.97
CA GLY C 155 -11.49 -21.45 4.73
C GLY C 155 -12.54 -22.46 5.17
N LEU C 156 -13.10 -23.24 4.24
CA LEU C 156 -14.14 -24.25 4.57
C LEU C 156 -13.54 -25.33 5.49
N ASP C 157 -12.25 -25.61 5.34
CA ASP C 157 -11.53 -26.63 6.16
C ASP C 157 -11.35 -26.14 7.60
N ASN C 158 -11.57 -24.85 7.87
CA ASN C 158 -11.32 -24.22 9.19
C ASN C 158 -12.58 -23.48 9.64
N LEU C 159 -13.72 -23.78 9.02
CA LEU C 159 -14.99 -23.05 9.24
C LEU C 159 -15.40 -23.14 10.72
N ASP C 160 -15.41 -24.35 11.30
CA ASP C 160 -15.87 -24.55 12.70
C ASP C 160 -14.98 -23.72 13.63
N GLU C 161 -13.68 -23.69 13.35
CA GLU C 161 -12.65 -23.01 14.17
C GLU C 161 -12.84 -21.49 14.06
N ILE C 162 -13.09 -20.96 12.85
CA ILE C 162 -13.32 -19.50 12.66
C ILE C 162 -14.62 -19.10 13.37
N LEU C 163 -15.66 -19.93 13.29
CA LEU C 163 -16.99 -19.66 13.91
C LEU C 163 -16.88 -19.67 15.43
N ASN C 164 -15.79 -20.23 15.98
CA ASN C 164 -15.57 -20.27 17.44
C ASN C 164 -14.80 -19.02 17.90
N VAL C 165 -14.47 -18.09 17.01
CA VAL C 165 -13.65 -16.90 17.39
C VAL C 165 -14.60 -15.82 17.91
N ASP C 166 -14.45 -15.46 19.18
CA ASP C 166 -15.13 -14.27 19.77
C ASP C 166 -14.57 -13.03 19.07
N GLY C 167 -15.45 -12.20 18.58
CA GLY C 167 -15.06 -10.93 17.96
C GLY C 167 -15.32 -10.96 16.46
N VAL C 168 -15.45 -12.14 15.87
CA VAL C 168 -15.98 -12.26 14.48
C VAL C 168 -17.50 -12.08 14.57
N ASP C 169 -18.03 -10.99 14.02
CA ASP C 169 -19.48 -10.69 14.07
C ASP C 169 -20.22 -11.41 12.95
N GLY C 170 -19.56 -11.65 11.83
CA GLY C 170 -20.22 -12.23 10.65
C GLY C 170 -19.22 -12.92 9.75
N ILE C 171 -19.68 -13.95 9.06
CA ILE C 171 -18.91 -14.63 7.99
C ILE C 171 -19.66 -14.42 6.68
N PHE C 172 -18.94 -13.87 5.70
CA PHE C 172 -19.45 -13.59 4.35
C PHE C 172 -18.84 -14.62 3.40
N ILE C 173 -19.69 -15.28 2.62
CA ILE C 173 -19.29 -16.23 1.55
C ILE C 173 -19.11 -15.46 0.24
N GLY C 174 -17.93 -15.57 -0.38
CA GLY C 174 -17.65 -14.95 -1.68
C GLY C 174 -17.83 -15.98 -2.78
N PRO C 175 -18.96 -16.01 -3.51
CA PRO C 175 -19.20 -17.07 -4.49
C PRO C 175 -18.20 -17.11 -5.66
N ALA C 176 -17.71 -15.97 -6.12
CA ALA C 176 -16.73 -15.89 -7.23
C ALA C 176 -15.46 -16.65 -6.84
N ASP C 177 -14.85 -16.25 -5.73
CA ASP C 177 -13.60 -16.89 -5.24
C ASP C 177 -13.90 -18.34 -4.85
N LEU C 178 -15.04 -18.62 -4.24
CA LEU C 178 -15.28 -20.00 -3.70
C LEU C 178 -15.50 -20.94 -4.89
N SER C 179 -16.29 -20.56 -5.88
CA SER C 179 -16.58 -21.41 -7.06
C SER C 179 -15.28 -21.67 -7.83
N ALA C 180 -14.41 -20.66 -7.97
CA ALA C 180 -13.08 -20.84 -8.60
C ALA C 180 -12.27 -21.85 -7.77
N ALA C 181 -12.22 -21.67 -6.46
CA ALA C 181 -11.45 -22.54 -5.54
C ALA C 181 -11.89 -23.99 -5.74
N LEU C 182 -13.19 -24.21 -5.96
CA LEU C 182 -13.82 -25.55 -6.07
C LEU C 182 -13.69 -26.11 -7.49
N GLY C 183 -13.07 -25.39 -8.43
CA GLY C 183 -12.88 -25.85 -9.82
C GLY C 183 -14.09 -25.60 -10.69
N TYR C 184 -14.97 -24.66 -10.29
CA TYR C 184 -16.14 -24.20 -11.08
C TYR C 184 -16.05 -22.68 -11.29
N ARG C 185 -14.88 -22.21 -11.72
CA ARG C 185 -14.62 -20.77 -11.94
C ARG C 185 -15.67 -20.19 -12.90
N GLY C 186 -16.35 -19.12 -12.48
CA GLY C 186 -17.35 -18.42 -13.31
C GLY C 186 -18.72 -19.09 -13.27
N ASN C 187 -18.86 -20.18 -12.50
CA ASN C 187 -20.13 -20.99 -12.46
C ASN C 187 -20.49 -21.35 -11.03
N PRO C 188 -20.70 -20.34 -10.15
CA PRO C 188 -21.15 -20.59 -8.79
C PRO C 188 -22.56 -21.21 -8.69
N GLY C 189 -23.37 -21.07 -9.74
CA GLY C 189 -24.75 -21.59 -9.84
C GLY C 189 -24.83 -23.11 -9.80
N HIS C 190 -23.74 -23.83 -10.12
CA HIS C 190 -23.69 -25.31 -10.10
C HIS C 190 -24.06 -25.86 -8.72
N GLU C 191 -24.87 -26.92 -8.73
CA GLU C 191 -25.42 -27.59 -7.53
C GLU C 191 -24.30 -27.94 -6.54
N PHE C 192 -23.15 -28.43 -7.01
CA PHE C 192 -22.00 -28.80 -6.14
C PHE C 192 -21.61 -27.59 -5.27
N VAL C 193 -21.50 -26.42 -5.90
CA VAL C 193 -21.12 -25.16 -5.20
C VAL C 193 -22.28 -24.71 -4.30
N GLN C 194 -23.51 -24.68 -4.82
CA GLN C 194 -24.71 -24.20 -4.08
C GLN C 194 -24.93 -25.03 -2.81
N ASN C 195 -24.78 -26.36 -2.87
CA ASN C 195 -25.01 -27.24 -1.69
C ASN C 195 -24.01 -26.84 -0.60
N ILE C 196 -22.76 -26.55 -0.98
CA ILE C 196 -21.70 -26.15 0.00
C ILE C 196 -22.08 -24.78 0.59
N ILE C 197 -22.51 -23.85 -0.25
CA ILE C 197 -22.89 -22.48 0.22
C ILE C 197 -24.03 -22.61 1.25
N VAL C 198 -25.07 -23.39 0.96
CA VAL C 198 -26.27 -23.52 1.85
C VAL C 198 -25.84 -24.12 3.19
N GLN C 199 -25.06 -25.20 3.16
CA GLN C 199 -24.56 -25.89 4.37
C GLN C 199 -23.72 -24.89 5.19
N THR C 200 -22.88 -24.11 4.53
CA THR C 200 -22.00 -23.08 5.13
C THR C 200 -22.87 -22.02 5.82
N ILE C 201 -23.90 -21.49 5.14
CA ILE C 201 -24.83 -20.50 5.77
C ILE C 201 -25.45 -21.13 7.03
N GLN C 202 -25.97 -22.36 6.92
CA GLN C 202 -26.63 -23.05 8.07
C GLN C 202 -25.66 -23.13 9.26
N LYS C 203 -24.39 -23.49 9.02
CA LYS C 203 -23.36 -23.68 10.08
C LYS C 203 -23.03 -22.34 10.70
N ILE C 204 -22.90 -21.29 9.88
CA ILE C 204 -22.61 -19.93 10.38
C ILE C 204 -23.72 -19.52 11.36
N ARG C 205 -24.97 -19.63 10.94
CA ARG C 205 -26.12 -19.17 11.76
C ARG C 205 -26.24 -20.07 13.01
N ALA C 206 -26.00 -21.38 12.88
CA ALA C 206 -26.07 -22.33 14.00
C ALA C 206 -25.09 -21.92 15.10
N ALA C 207 -23.97 -21.29 14.74
CA ALA C 207 -22.91 -20.91 15.69
C ALA C 207 -23.18 -19.52 16.29
N GLY C 208 -24.29 -18.87 15.92
CA GLY C 208 -24.70 -17.57 16.47
C GLY C 208 -24.03 -16.40 15.78
N LYS C 209 -23.41 -16.61 14.62
CA LYS C 209 -22.77 -15.53 13.83
C LYS C 209 -23.73 -15.12 12.72
N ALA C 210 -23.62 -13.88 12.25
CA ALA C 210 -24.35 -13.38 11.07
C ALA C 210 -23.72 -14.01 9.82
N ALA C 211 -24.54 -14.45 8.88
CA ALA C 211 -24.10 -14.97 7.56
C ALA C 211 -24.33 -13.90 6.51
N GLY C 212 -23.43 -13.79 5.55
CA GLY C 212 -23.55 -12.83 4.44
C GLY C 212 -23.13 -13.43 3.12
N ILE C 213 -23.56 -12.83 2.03
CA ILE C 213 -23.24 -13.32 0.66
C ILE C 213 -23.61 -12.22 -0.31
N LEU C 214 -23.05 -12.30 -1.51
CA LEU C 214 -23.50 -11.52 -2.69
C LEU C 214 -24.02 -12.47 -3.76
N SER C 215 -25.16 -12.14 -4.35
CA SER C 215 -25.59 -12.71 -5.64
C SER C 215 -26.32 -11.64 -6.43
N ALA C 216 -25.87 -11.38 -7.65
CA ALA C 216 -26.57 -10.54 -8.64
C ALA C 216 -27.75 -11.32 -9.23
N ASP C 217 -27.88 -12.61 -8.89
CA ASP C 217 -29.03 -13.44 -9.37
C ASP C 217 -30.19 -13.28 -8.37
N GLU C 218 -31.31 -12.73 -8.83
CA GLU C 218 -32.46 -12.40 -7.94
C GLU C 218 -32.98 -13.66 -7.26
N LYS C 219 -33.08 -14.78 -7.99
CA LYS C 219 -33.61 -16.04 -7.42
C LYS C 219 -32.67 -16.53 -6.30
N LEU C 220 -31.36 -16.56 -6.55
CA LEU C 220 -30.38 -17.04 -5.56
C LEU C 220 -30.43 -16.10 -4.34
N ALA C 221 -30.43 -14.78 -4.55
CA ALA C 221 -30.46 -13.78 -3.46
C ALA C 221 -31.70 -14.02 -2.58
N LYS C 222 -32.87 -14.20 -3.20
CA LYS C 222 -34.12 -14.45 -2.46
C LYS C 222 -34.05 -15.80 -1.74
N GLN C 223 -33.41 -16.81 -2.33
CA GLN C 223 -33.23 -18.12 -1.65
C GLN C 223 -32.38 -17.89 -0.39
N TYR C 224 -31.27 -17.16 -0.50
CA TYR C 224 -30.37 -16.91 0.66
C TYR C 224 -31.14 -16.15 1.74
N LEU C 225 -31.95 -15.17 1.35
CA LEU C 225 -32.79 -14.41 2.32
C LEU C 225 -33.79 -15.36 2.98
N GLU C 226 -34.37 -16.32 2.25
CA GLU C 226 -35.33 -17.30 2.83
C GLU C 226 -34.63 -18.17 3.88
N LEU C 227 -33.33 -18.45 3.72
CA LEU C 227 -32.53 -19.24 4.71
C LEU C 227 -32.22 -18.43 5.97
N GLY C 228 -32.47 -17.11 5.97
CA GLY C 228 -32.23 -16.24 7.14
C GLY C 228 -30.91 -15.49 7.06
N THR C 229 -30.21 -15.56 5.92
CA THR C 229 -28.92 -14.86 5.71
C THR C 229 -29.09 -13.39 6.12
N GLU C 230 -28.23 -12.89 7.00
CA GLU C 230 -28.40 -11.61 7.72
C GLU C 230 -27.97 -10.42 6.85
N PHE C 231 -26.92 -10.56 6.03
CA PHE C 231 -26.48 -9.43 5.16
C PHE C 231 -26.23 -9.95 3.74
N VAL C 232 -27.08 -9.52 2.81
CA VAL C 232 -27.12 -10.01 1.40
C VAL C 232 -26.93 -8.81 0.48
N ALA C 233 -25.81 -8.78 -0.24
CA ALA C 233 -25.58 -7.81 -1.33
C ALA C 233 -26.23 -8.39 -2.59
N VAL C 234 -26.97 -7.56 -3.32
CA VAL C 234 -27.90 -8.01 -4.40
C VAL C 234 -27.45 -7.47 -5.75
N GLY C 235 -26.38 -6.67 -5.79
CA GLY C 235 -25.86 -6.13 -7.06
C GLY C 235 -24.55 -5.39 -6.87
N VAL C 236 -23.99 -4.92 -7.97
CA VAL C 236 -22.66 -4.26 -8.07
C VAL C 236 -22.85 -3.04 -8.96
N ASP C 237 -22.38 -1.87 -8.55
CA ASP C 237 -22.63 -0.62 -9.29
C ASP C 237 -22.01 -0.73 -10.68
N THR C 238 -20.77 -1.22 -10.83
CA THR C 238 -20.11 -1.36 -12.16
C THR C 238 -21.01 -2.21 -13.08
N SER C 239 -21.46 -3.36 -12.59
CA SER C 239 -22.34 -4.30 -13.33
C SER C 239 -23.64 -3.61 -13.77
N LEU C 240 -24.33 -2.95 -12.83
CA LEU C 240 -25.64 -2.29 -13.13
C LEU C 240 -25.44 -1.16 -14.14
N LEU C 241 -24.35 -0.41 -14.04
CA LEU C 241 -24.08 0.70 -15.00
C LEU C 241 -23.89 0.09 -16.39
N MET C 242 -23.02 -0.92 -16.53
CA MET C 242 -22.71 -1.54 -17.84
C MET C 242 -24.01 -2.12 -18.42
N LYS C 243 -24.73 -2.92 -17.63
CA LYS C 243 -25.96 -3.65 -18.09
C LYS C 243 -27.04 -2.63 -18.50
N SER C 244 -27.29 -1.60 -17.69
CA SER C 244 -28.34 -0.58 -18.00
C SER C 244 -28.01 0.09 -19.35
N MET C 245 -26.75 0.44 -19.59
CA MET C 245 -26.33 1.14 -20.84
C MET C 245 -26.41 0.16 -22.03
N LYS C 246 -26.06 -1.11 -21.85
CA LYS C 246 -26.13 -2.11 -22.94
C LYS C 246 -27.59 -2.40 -23.29
N GLN C 247 -28.43 -2.59 -22.28
CA GLN C 247 -29.89 -2.90 -22.46
C GLN C 247 -30.55 -1.74 -23.23
N LEU C 248 -30.19 -0.51 -22.89
CA LEU C 248 -30.73 0.69 -23.58
C LEU C 248 -30.27 0.70 -25.04
N LEU C 249 -28.98 0.50 -25.29
CA LEU C 249 -28.46 0.57 -26.67
C LEU C 249 -29.18 -0.47 -27.54
N SER C 250 -29.42 -1.67 -26.98
CA SER C 250 -30.02 -2.83 -27.69
C SER C 250 -31.41 -2.48 -28.25
N LYS C 251 -32.11 -1.50 -27.67
CA LYS C 251 -33.44 -1.04 -28.16
C LYS C 251 -33.30 -0.24 -29.47
N PHE C 252 -32.10 0.25 -29.77
CA PHE C 252 -31.81 1.14 -30.93
C PHE C 252 -30.76 0.52 -31.85
N LYS C 253 -29.97 -0.43 -31.33
CA LYS C 253 -28.75 -1.07 -31.90
C LYS C 253 -27.97 -0.08 -32.78
#